data_5HNU
#
_entry.id   5HNU
#
_cell.length_a   48.666
_cell.length_b   81.826
_cell.length_c   76.013
_cell.angle_alpha   90.000
_cell.angle_beta   102.070
_cell.angle_gamma   90.000
#
_symmetry.space_group_name_H-M   'P 1 21 1'
#
loop_
_entity.id
_entity.type
_entity.pdbx_description
1 polymer 'Aldo-keto reductase family 1 member C3'
2 non-polymer 'NADP NICOTINAMIDE-ADENINE-DINUCLEOTIDE PHOSPHATE'
3 non-polymer 'octyl 3,4,5-trihydroxybenzoate'
4 water water
#
_entity_poly.entity_id   1
_entity_poly.type   'polypeptide(L)'
_entity_poly.pdbx_seq_one_letter_code
;QCVKLNDGHFMPVLGFGTYAPPEVPRSKALEVTKLAIEAGFRHIDSAHLYNNEEQVGLAIRSKIADGSVKREDIFYTSKL
WSTFHRPELVRPALENSLKKAQLDYVDLYLIHSPMSLKPGEELSPTDENGKVIFDIVDLCTTWEAMEKCKDAGLAKSIGV
SNFNRRQLEMILNKPGLKYKPVCNQVECHPYFNRSKLLDFCKSKDIVLVAYSALGSQRDKRWVDPNSPVLLEDPVLCALA
KKHKRTPALIALRYQLQRGVVVLAKSYNEQRIRQNVQVFEFQLTAEDMKAIDGLDRNLHYFNSDSFASHPNYPYS
;
_entity_poly.pdbx_strand_id   A,C
#
loop_
_chem_comp.id
_chem_comp.type
_chem_comp.name
_chem_comp.formula
65D non-polymer 'octyl 3,4,5-trihydroxybenzoate' 'C15 H22 O5'
NAP non-polymer 'NADP NICOTINAMIDE-ADENINE-DINUCLEOTIDE PHOSPHATE' 'C21 H28 N7 O17 P3'
#
# COMPACT_ATOMS: atom_id res chain seq x y z
N GLN A 1 -5.05 30.07 -18.71
CA GLN A 1 -3.79 29.56 -18.14
C GLN A 1 -3.48 28.22 -18.79
N CYS A 2 -2.66 28.32 -19.80
CA CYS A 2 -2.21 27.23 -20.61
C CYS A 2 -0.70 27.18 -20.65
N VAL A 3 -0.16 26.03 -21.04
CA VAL A 3 1.26 25.90 -21.26
C VAL A 3 1.43 25.58 -22.75
N LYS A 4 2.45 26.15 -23.34
CA LYS A 4 2.80 25.83 -24.76
C LYS A 4 3.48 24.46 -24.85
N LEU A 5 2.91 23.54 -25.62
CA LEU A 5 3.51 22.24 -25.77
C LEU A 5 4.64 22.31 -26.87
N ASN A 6 5.50 21.28 -26.90
CA ASN A 6 6.60 21.23 -27.81
C ASN A 6 6.21 21.06 -29.29
N ASP A 7 4.94 20.73 -29.58
CA ASP A 7 4.43 20.73 -30.99
C ASP A 7 3.72 22.04 -31.39
N GLY A 8 3.76 23.06 -30.55
CA GLY A 8 3.06 24.31 -30.74
C GLY A 8 1.63 24.42 -30.24
N HIS A 9 1.01 23.31 -29.84
CA HIS A 9 -0.34 23.35 -29.27
C HIS A 9 -0.26 23.82 -27.80
N PHE A 10 -1.41 24.14 -27.20
CA PHE A 10 -1.51 24.76 -25.86
C PHE A 10 -2.36 23.86 -25.03
N MET A 11 -1.95 23.63 -23.79
CA MET A 11 -2.67 22.69 -22.92
C MET A 11 -3.04 23.46 -21.65
N PRO A 12 -4.32 23.46 -21.28
CA PRO A 12 -4.64 24.14 -20.03
C PRO A 12 -3.99 23.44 -18.85
N VAL A 13 -3.52 24.23 -17.90
CA VAL A 13 -2.73 23.69 -16.80
C VAL A 13 -3.54 22.97 -15.71
N LEU A 14 -4.85 23.18 -15.68
CA LEU A 14 -5.76 22.46 -14.80
C LEU A 14 -6.67 21.58 -15.62
N GLY A 15 -6.67 20.28 -15.32
CA GLY A 15 -7.49 19.33 -16.02
C GLY A 15 -8.47 18.60 -15.12
N PHE A 16 -9.62 18.24 -15.70
CA PHE A 16 -10.67 17.50 -14.99
C PHE A 16 -10.53 15.98 -15.17
N GLY A 17 -10.49 15.27 -14.06
CA GLY A 17 -10.27 13.83 -14.06
C GLY A 17 -11.62 13.14 -14.10
N THR A 18 -11.85 12.30 -15.10
CA THR A 18 -13.19 11.76 -15.30
C THR A 18 -13.39 10.33 -14.83
N TYR A 19 -12.32 9.64 -14.42
CA TYR A 19 -12.48 8.24 -13.97
C TYR A 19 -13.30 8.16 -12.69
N ALA A 20 -14.31 7.30 -12.66
CA ALA A 20 -14.97 6.90 -11.42
C ALA A 20 -15.16 5.35 -11.40
N PRO A 21 -15.16 4.75 -10.21
CA PRO A 21 -15.25 3.30 -10.17
C PRO A 21 -16.60 2.80 -10.73
N PRO A 22 -16.63 1.53 -11.14
CA PRO A 22 -17.77 0.97 -11.84
C PRO A 22 -19.07 0.91 -11.01
N GLU A 23 -18.98 1.04 -9.68
CA GLU A 23 -20.17 1.15 -8.82
C GLU A 23 -20.92 2.47 -9.07
N VAL A 24 -20.26 3.47 -9.67
CA VAL A 24 -20.89 4.75 -9.92
C VAL A 24 -21.65 4.59 -11.22
N PRO A 25 -23.00 4.85 -11.21
CA PRO A 25 -23.77 4.73 -12.45
C PRO A 25 -23.15 5.52 -13.60
N ARG A 26 -23.16 4.95 -14.80
CA ARG A 26 -22.44 5.53 -15.96
C ARG A 26 -22.96 6.92 -16.41
N SER A 27 -24.24 7.18 -16.15
CA SER A 27 -24.85 8.50 -16.36
C SER A 27 -24.14 9.68 -15.63
N LYS A 28 -23.60 9.44 -14.47
CA LYS A 28 -22.96 10.52 -13.68
C LYS A 28 -21.90 11.26 -14.46
N ALA A 29 -21.09 10.56 -15.23
CA ALA A 29 -19.97 11.19 -15.96
C ALA A 29 -20.44 12.29 -16.89
N LEU A 30 -21.62 12.09 -17.48
CA LEU A 30 -22.25 13.12 -18.31
C LEU A 30 -22.57 14.40 -17.49
N GLU A 31 -23.24 14.19 -16.34
CA GLU A 31 -23.61 15.26 -15.43
C GLU A 31 -22.40 16.00 -14.94
N VAL A 32 -21.41 15.26 -14.44
CA VAL A 32 -20.26 15.89 -13.76
C VAL A 32 -19.35 16.58 -14.76
N THR A 33 -19.25 16.06 -15.98
CA THR A 33 -18.41 16.75 -16.97
C THR A 33 -19.01 18.11 -17.37
N LYS A 34 -20.32 18.16 -17.53
CA LYS A 34 -21.00 19.44 -17.75
C LYS A 34 -20.73 20.36 -16.58
N LEU A 35 -20.84 19.85 -15.35
CA LEU A 35 -20.59 20.69 -14.17
C LEU A 35 -19.19 21.18 -14.15
N ALA A 36 -18.24 20.34 -14.53
CA ALA A 36 -16.83 20.75 -14.59
C ALA A 36 -16.60 21.90 -15.60
N ILE A 37 -17.19 21.77 -16.78
CA ILE A 37 -17.07 22.81 -17.80
C ILE A 37 -17.76 24.11 -17.33
N GLU A 38 -18.95 23.99 -16.77
CA GLU A 38 -19.62 25.17 -16.22
C GLU A 38 -18.75 25.85 -15.17
N ALA A 39 -18.03 25.08 -14.36
CA ALA A 39 -17.20 25.66 -13.30
C ALA A 39 -15.98 26.36 -13.83
N GLY A 40 -15.55 25.99 -15.07
CA GLY A 40 -14.35 26.61 -15.71
C GLY A 40 -13.29 25.61 -16.16
N PHE A 41 -13.46 24.32 -15.95
CA PHE A 41 -12.49 23.37 -16.45
C PHE A 41 -12.56 23.40 -17.98
N ARG A 42 -11.42 23.38 -18.63
CA ARG A 42 -11.33 23.33 -20.12
C ARG A 42 -10.58 22.11 -20.65
N HIS A 43 -9.73 21.54 -19.82
CA HIS A 43 -8.97 20.37 -20.08
C HIS A 43 -9.70 19.17 -19.42
N ILE A 44 -9.93 18.11 -20.18
CA ILE A 44 -10.74 16.96 -19.70
C ILE A 44 -10.02 15.68 -20.06
N ASP A 45 -9.83 14.84 -19.05
CA ASP A 45 -8.98 13.65 -19.16
C ASP A 45 -9.81 12.40 -19.08
N SER A 46 -9.83 11.66 -20.19
CA SER A 46 -10.54 10.36 -20.19
C SER A 46 -9.62 9.29 -20.79
N ALA A 47 -10.17 8.12 -21.06
CA ALA A 47 -9.39 7.05 -21.61
C ALA A 47 -10.36 5.98 -22.07
N HIS A 48 -9.94 5.13 -23.01
CA HIS A 48 -10.67 3.90 -23.31
C HIS A 48 -10.88 3.08 -22.02
N LEU A 49 -9.85 2.95 -21.20
CA LEU A 49 -10.01 2.23 -19.94
C LEU A 49 -11.20 2.66 -19.09
N TYR A 50 -11.59 3.94 -19.12
CA TYR A 50 -12.57 4.45 -18.15
C TYR A 50 -14.01 4.09 -18.47
N ASN A 51 -14.26 3.60 -19.71
CA ASN A 51 -15.61 3.19 -20.17
C ASN A 51 -16.65 4.31 -20.04
N ASN A 52 -16.21 5.55 -20.29
CA ASN A 52 -17.04 6.73 -20.13
C ASN A 52 -16.91 7.71 -21.26
N GLU A 53 -16.24 7.33 -22.34
CA GLU A 53 -15.97 8.25 -23.40
C GLU A 53 -17.28 8.76 -24.06
N GLU A 54 -18.31 7.91 -24.12
CA GLU A 54 -19.58 8.36 -24.69
C GLU A 54 -20.19 9.50 -23.86
N GLN A 55 -20.21 9.29 -22.55
CA GLN A 55 -20.80 10.24 -21.62
C GLN A 55 -19.96 11.55 -21.55
N VAL A 56 -18.66 11.40 -21.50
CA VAL A 56 -17.79 12.57 -21.45
C VAL A 56 -17.93 13.35 -22.73
N GLY A 57 -17.94 12.65 -23.88
CA GLY A 57 -18.11 13.30 -25.16
C GLY A 57 -19.43 14.08 -25.28
N LEU A 58 -20.50 13.48 -24.78
CA LEU A 58 -21.83 14.12 -24.77
C LEU A 58 -21.85 15.43 -24.00
N ALA A 59 -21.12 15.42 -22.91
CA ALA A 59 -20.98 16.62 -22.07
C ALA A 59 -20.32 17.72 -22.81
N ILE A 60 -19.20 17.38 -23.45
CA ILE A 60 -18.42 18.35 -24.25
C ILE A 60 -19.25 18.92 -25.41
N ARG A 61 -19.89 18.01 -26.16
CA ARG A 61 -20.80 18.42 -27.25
C ARG A 61 -21.93 19.28 -26.79
N SER A 62 -22.48 18.98 -25.63
CA SER A 62 -23.57 19.77 -25.08
C SER A 62 -23.16 21.22 -24.85
N LYS A 63 -22.00 21.39 -24.22
CA LYS A 63 -21.54 22.73 -23.85
C LYS A 63 -21.05 23.50 -25.07
N ILE A 64 -20.62 22.77 -26.10
CA ILE A 64 -20.27 23.42 -27.40
C ILE A 64 -21.59 23.86 -28.08
N ALA A 65 -22.56 22.94 -28.10
CA ALA A 65 -23.83 23.19 -28.80
C ALA A 65 -24.53 24.39 -28.24
N ASP A 66 -24.48 24.55 -26.93
CA ASP A 66 -25.25 25.60 -26.28
C ASP A 66 -24.48 26.90 -26.22
N GLY A 67 -23.26 26.90 -26.76
CA GLY A 67 -22.47 28.11 -26.92
C GLY A 67 -21.61 28.46 -25.71
N SER A 68 -21.61 27.67 -24.62
CA SER A 68 -20.77 27.98 -23.45
C SER A 68 -19.29 27.96 -23.81
N VAL A 69 -18.91 27.08 -24.75
CA VAL A 69 -17.55 26.94 -25.22
C VAL A 69 -17.55 26.64 -26.70
N LYS A 70 -16.43 26.89 -27.34
CA LYS A 70 -16.19 26.36 -28.68
C LYS A 70 -15.34 25.07 -28.56
N ARG A 71 -15.42 24.20 -29.57
CA ARG A 71 -14.64 22.97 -29.55
C ARG A 71 -13.14 23.28 -29.32
N GLU A 72 -12.67 24.39 -29.91
CA GLU A 72 -11.26 24.79 -29.87
C GLU A 72 -10.85 25.31 -28.47
N ASP A 73 -11.81 25.60 -27.59
CA ASP A 73 -11.53 25.98 -26.19
C ASP A 73 -11.38 24.75 -25.28
N ILE A 74 -11.76 23.58 -25.77
CA ILE A 74 -11.74 22.37 -24.95
C ILE A 74 -10.52 21.58 -25.35
N PHE A 75 -9.86 21.10 -24.32
CA PHE A 75 -8.74 20.20 -24.51
C PHE A 75 -9.12 18.80 -24.00
N TYR A 76 -9.40 17.86 -24.91
CA TYR A 76 -9.80 16.53 -24.60
C TYR A 76 -8.70 15.51 -24.82
N THR A 77 -8.43 14.75 -23.76
CA THR A 77 -7.47 13.70 -23.79
C THR A 77 -8.11 12.33 -23.73
N SER A 78 -7.64 11.44 -24.62
CA SER A 78 -7.92 10.02 -24.45
C SER A 78 -6.63 9.26 -24.42
N LYS A 79 -6.75 7.95 -24.18
CA LYS A 79 -5.58 7.12 -24.03
C LYS A 79 -5.78 5.79 -24.71
N LEU A 80 -4.67 5.33 -25.28
CA LEU A 80 -4.52 4.01 -25.89
C LEU A 80 -4.28 2.96 -24.82
N TRP A 81 -5.17 2.02 -24.71
CA TRP A 81 -5.04 0.99 -23.68
C TRP A 81 -3.96 -0.05 -24.09
N SER A 82 -3.38 -0.66 -23.09
CA SER A 82 -2.27 -1.56 -23.15
C SER A 82 -2.45 -2.86 -23.94
N THR A 83 -3.68 -3.27 -24.19
CA THR A 83 -3.94 -4.33 -25.15
C THR A 83 -3.84 -3.91 -26.63
N PHE A 84 -3.61 -2.62 -26.91
CA PHE A 84 -3.62 -2.07 -28.27
C PHE A 84 -2.27 -1.44 -28.62
N HIS A 85 -1.22 -1.80 -27.88
CA HIS A 85 0.13 -1.34 -28.23
C HIS A 85 0.70 -1.76 -29.62
N ARG A 86 0.27 -2.92 -30.14
CA ARG A 86 0.82 -3.41 -31.40
C ARG A 86 0.48 -2.41 -32.50
N PRO A 87 1.47 -2.02 -33.34
CA PRO A 87 1.32 -0.80 -34.16
C PRO A 87 0.06 -0.75 -35.01
N GLU A 88 -0.35 -1.88 -35.55
CA GLU A 88 -1.55 -1.95 -36.41
C GLU A 88 -2.85 -1.79 -35.59
N LEU A 89 -2.79 -1.86 -34.26
CA LEU A 89 -4.00 -1.67 -33.43
C LEU A 89 -4.24 -0.24 -32.96
N VAL A 90 -3.28 0.64 -33.18
CA VAL A 90 -3.22 1.96 -32.53
C VAL A 90 -4.24 2.91 -33.17
N ARG A 91 -4.21 3.06 -34.48
CA ARG A 91 -5.20 3.88 -35.17
C ARG A 91 -6.67 3.42 -35.00
N PRO A 92 -6.98 2.11 -35.18
CA PRO A 92 -8.35 1.67 -34.90
C PRO A 92 -8.82 1.88 -33.43
N ALA A 93 -7.91 1.81 -32.47
CA ALA A 93 -8.28 2.07 -31.09
C ALA A 93 -8.62 3.56 -30.94
N LEU A 94 -7.81 4.40 -31.54
CA LEU A 94 -8.10 5.83 -31.52
C LEU A 94 -9.46 6.10 -32.20
N GLU A 95 -9.64 5.52 -33.39
CA GLU A 95 -10.93 5.68 -34.12
C GLU A 95 -12.12 5.19 -33.31
N ASN A 96 -11.95 4.09 -32.61
CA ASN A 96 -13.05 3.57 -31.73
C ASN A 96 -13.41 4.57 -30.58
N SER A 97 -12.36 5.08 -29.93
CA SER A 97 -12.51 6.19 -28.95
C SER A 97 -13.27 7.40 -29.52
N LEU A 98 -12.83 7.86 -30.70
CA LEU A 98 -13.43 9.02 -31.32
C LEU A 98 -14.90 8.78 -31.65
N LYS A 99 -15.22 7.56 -32.09
CA LYS A 99 -16.61 7.22 -32.43
C LYS A 99 -17.46 7.16 -31.17
N LYS A 100 -16.91 6.63 -30.09
CA LYS A 100 -17.65 6.62 -28.82
C LYS A 100 -17.98 8.00 -28.34
N ALA A 101 -16.96 8.86 -28.33
CA ALA A 101 -17.08 10.25 -27.82
C ALA A 101 -17.89 11.11 -28.76
N GLN A 102 -18.06 10.62 -29.98
CA GLN A 102 -18.63 11.36 -31.06
C GLN A 102 -17.86 12.66 -31.23
N LEU A 103 -16.52 12.54 -31.25
CA LEU A 103 -15.62 13.69 -31.52
C LEU A 103 -14.85 13.32 -32.75
N ASP A 104 -14.37 14.32 -33.45
CA ASP A 104 -13.63 14.12 -34.68
C ASP A 104 -12.13 14.00 -34.44
N TYR A 105 -11.65 14.64 -33.37
CA TYR A 105 -10.24 14.54 -32.98
C TYR A 105 -10.15 14.64 -31.45
N VAL A 106 -9.06 14.14 -30.91
CA VAL A 106 -8.72 14.34 -29.54
C VAL A 106 -7.67 15.39 -29.53
N ASP A 107 -7.65 16.24 -28.50
CA ASP A 107 -6.57 17.16 -28.34
C ASP A 107 -5.26 16.46 -27.96
N LEU A 108 -5.37 15.30 -27.35
CA LEU A 108 -4.20 14.58 -26.89
C LEU A 108 -4.51 13.10 -26.79
N TYR A 109 -3.60 12.28 -27.36
CA TYR A 109 -3.67 10.84 -27.25
C TYR A 109 -2.41 10.36 -26.59
N LEU A 110 -2.58 9.56 -25.53
CA LEU A 110 -1.44 9.08 -24.78
C LEU A 110 -1.35 7.60 -24.90
N ILE A 111 -0.15 7.08 -24.87
CA ILE A 111 0.06 5.69 -24.50
C ILE A 111 -0.21 5.65 -23.00
N HIS A 112 -1.18 4.87 -22.59
CA HIS A 112 -1.66 4.89 -21.22
C HIS A 112 -0.62 4.34 -20.25
N SER A 113 0.12 3.33 -20.68
CA SER A 113 1.06 2.62 -19.84
C SER A 113 2.11 1.92 -20.68
N PRO A 114 3.35 1.89 -20.21
CA PRO A 114 4.34 1.11 -20.97
C PRO A 114 4.17 -0.40 -20.80
N MET A 115 3.26 -0.81 -19.93
CA MET A 115 3.09 -2.24 -19.61
C MET A 115 2.11 -2.96 -20.55
N SER A 116 2.64 -3.42 -21.69
CA SER A 116 1.81 -4.00 -22.74
C SER A 116 1.12 -5.27 -22.24
N LEU A 117 -0.11 -5.47 -22.71
CA LEU A 117 -0.98 -6.59 -22.36
C LEU A 117 -1.45 -7.34 -23.66
N LYS A 118 -1.78 -8.62 -23.49
CA LYS A 118 -2.12 -9.47 -24.61
C LYS A 118 -3.27 -8.84 -25.39
N PRO A 119 -3.15 -8.81 -26.73
CA PRO A 119 -4.22 -8.17 -27.52
C PRO A 119 -5.47 -9.01 -27.54
N GLY A 120 -6.57 -8.38 -27.87
CA GLY A 120 -7.89 -8.95 -27.69
C GLY A 120 -8.88 -7.93 -27.18
N GLU A 121 -9.94 -8.47 -26.58
CA GLU A 121 -11.10 -7.68 -26.26
C GLU A 121 -11.37 -7.49 -24.81
N GLU A 122 -10.68 -8.22 -23.95
CA GLU A 122 -10.72 -7.94 -22.54
C GLU A 122 -9.76 -6.76 -22.33
N LEU A 123 -10.00 -6.02 -21.28
CA LEU A 123 -9.15 -4.93 -20.85
C LEU A 123 -8.04 -5.49 -20.03
N SER A 124 -8.40 -6.46 -19.17
CA SER A 124 -7.48 -7.18 -18.31
C SER A 124 -7.53 -8.67 -18.71
N PRO A 125 -6.78 -9.05 -19.78
CA PRO A 125 -6.72 -10.44 -20.21
C PRO A 125 -6.06 -11.31 -19.13
N THR A 126 -6.74 -12.39 -18.70
CA THR A 126 -6.20 -13.27 -17.65
C THR A 126 -6.16 -14.73 -18.07
N ASP A 127 -5.11 -15.41 -17.62
CA ASP A 127 -4.87 -16.79 -17.97
C ASP A 127 -5.70 -17.75 -17.10
N GLU A 128 -5.44 -19.03 -17.25
CA GLU A 128 -6.14 -20.12 -16.54
C GLU A 128 -6.21 -19.97 -15.02
N ASN A 129 -5.15 -19.41 -14.47
CA ASN A 129 -4.97 -19.19 -13.05
C ASN A 129 -5.54 -17.92 -12.51
N GLY A 130 -6.17 -17.09 -13.36
CA GLY A 130 -6.56 -15.70 -12.97
C GLY A 130 -5.48 -14.61 -13.05
N LYS A 131 -4.30 -14.97 -13.57
CA LYS A 131 -3.16 -14.05 -13.62
C LYS A 131 -3.19 -13.30 -14.96
N VAL A 132 -2.97 -11.99 -14.89
CA VAL A 132 -2.91 -11.13 -16.08
C VAL A 132 -1.84 -11.54 -17.15
N ILE A 133 -2.23 -11.52 -18.43
CA ILE A 133 -1.31 -11.96 -19.48
C ILE A 133 -0.62 -10.73 -20.11
N PHE A 134 0.68 -10.68 -19.96
CA PHE A 134 1.52 -9.63 -20.54
C PHE A 134 1.75 -9.84 -22.06
N ASP A 135 2.20 -8.79 -22.73
CA ASP A 135 2.62 -8.89 -24.14
C ASP A 135 3.91 -8.15 -24.21
N ILE A 136 4.67 -8.41 -25.25
CA ILE A 136 5.93 -7.75 -25.48
C ILE A 136 5.79 -7.03 -26.82
N VAL A 137 5.95 -5.70 -26.78
CA VAL A 137 5.93 -4.83 -27.93
C VAL A 137 7.07 -3.83 -27.79
N ASP A 138 7.73 -3.50 -28.90
CA ASP A 138 8.72 -2.40 -28.94
C ASP A 138 7.92 -1.10 -29.00
N LEU A 139 8.01 -0.30 -27.93
CA LEU A 139 7.10 0.83 -27.81
C LEU A 139 7.45 1.97 -28.78
N CYS A 140 8.66 1.92 -29.33
CA CYS A 140 9.04 2.75 -30.46
C CYS A 140 8.14 2.56 -31.67
N THR A 141 7.63 1.36 -31.89
CA THR A 141 6.78 1.12 -33.03
C THR A 141 5.40 1.59 -32.66
N THR A 142 5.02 1.41 -31.38
CA THR A 142 3.77 1.98 -30.91
C THR A 142 3.81 3.51 -31.16
N TRP A 143 4.95 4.15 -30.84
CA TRP A 143 5.09 5.56 -30.99
C TRP A 143 4.98 6.03 -32.45
N GLU A 144 5.60 5.28 -33.36
CA GLU A 144 5.46 5.59 -34.79
C GLU A 144 4.02 5.59 -35.26
N ALA A 145 3.25 4.64 -34.77
CA ALA A 145 1.85 4.57 -35.09
C ALA A 145 1.08 5.77 -34.47
N MET A 146 1.52 6.21 -33.29
CA MET A 146 0.99 7.44 -32.68
C MET A 146 1.33 8.68 -33.53
N GLU A 147 2.57 8.78 -33.96
CA GLU A 147 2.98 9.84 -34.89
C GLU A 147 2.08 9.90 -36.15
N LYS A 148 1.68 8.73 -36.66
CA LYS A 148 0.81 8.68 -37.81
C LYS A 148 -0.60 9.17 -37.49
N CYS A 149 -1.08 8.86 -36.29
CA CYS A 149 -2.38 9.37 -35.83
C CYS A 149 -2.41 10.91 -35.75
N LYS A 150 -1.30 11.52 -35.33
CA LYS A 150 -1.18 12.96 -35.31
C LYS A 150 -1.14 13.52 -36.75
N ASP A 151 -0.30 12.91 -37.59
CA ASP A 151 -0.26 13.31 -39.03
C ASP A 151 -1.62 13.14 -39.74
N ALA A 152 -2.43 12.17 -39.34
CA ALA A 152 -3.75 11.99 -39.91
C ALA A 152 -4.79 13.01 -39.35
N GLY A 153 -4.41 13.89 -38.41
CA GLY A 153 -5.34 14.83 -37.80
C GLY A 153 -6.37 14.19 -36.88
N LEU A 154 -6.03 13.01 -36.36
CA LEU A 154 -6.93 12.36 -35.42
C LEU A 154 -6.61 12.76 -33.97
N ALA A 155 -5.38 13.17 -33.73
CA ALA A 155 -4.94 13.70 -32.42
C ALA A 155 -4.11 14.89 -32.70
N LYS A 156 -4.43 15.99 -32.06
CA LYS A 156 -3.67 17.23 -32.21
C LYS A 156 -2.25 17.05 -31.65
N SER A 157 -2.15 16.42 -30.48
CA SER A 157 -0.86 16.20 -29.83
C SER A 157 -0.83 14.74 -29.35
N ILE A 158 0.37 14.20 -29.20
CA ILE A 158 0.56 12.85 -28.69
C ILE A 158 1.54 12.88 -27.53
N GLY A 159 1.35 11.95 -26.62
CA GLY A 159 2.29 11.83 -25.49
C GLY A 159 2.17 10.49 -24.86
N VAL A 160 2.71 10.39 -23.65
CA VAL A 160 2.78 9.13 -22.95
C VAL A 160 2.31 9.28 -21.48
N SER A 161 2.14 8.13 -20.85
CA SER A 161 1.73 8.12 -19.45
C SER A 161 2.40 6.96 -18.79
N ASN A 162 2.83 7.19 -17.56
CA ASN A 162 3.43 6.15 -16.69
C ASN A 162 4.77 5.67 -17.20
N PHE A 163 5.46 6.48 -18.00
CA PHE A 163 6.79 6.20 -18.45
C PHE A 163 7.79 6.73 -17.42
N ASN A 164 8.85 6.00 -17.25
CA ASN A 164 10.01 6.50 -16.50
C ASN A 164 11.02 7.14 -17.44
N ARG A 165 12.11 7.69 -16.86
CA ARG A 165 13.16 8.35 -17.65
C ARG A 165 13.78 7.50 -18.77
N ARG A 166 14.08 6.25 -18.44
CA ARG A 166 14.63 5.31 -19.42
C ARG A 166 13.67 5.11 -20.60
N GLN A 167 12.40 4.85 -20.31
CA GLN A 167 11.35 4.67 -21.30
C GLN A 167 11.16 5.93 -22.15
N LEU A 168 11.18 7.12 -21.56
CA LEU A 168 11.21 8.40 -22.33
C LEU A 168 12.41 8.53 -23.27
N GLU A 169 13.60 8.19 -22.79
CA GLU A 169 14.84 8.32 -23.61
C GLU A 169 14.82 7.41 -24.80
N MET A 170 14.28 6.22 -24.61
CA MET A 170 14.10 5.32 -25.68
C MET A 170 13.31 5.95 -26.85
N ILE A 171 12.26 6.72 -26.54
CA ILE A 171 11.49 7.39 -27.60
C ILE A 171 12.34 8.54 -28.14
N LEU A 172 12.92 9.33 -27.25
CA LEU A 172 13.67 10.54 -27.64
C LEU A 172 14.85 10.19 -28.56
N ASN A 173 15.44 9.05 -28.33
CA ASN A 173 16.56 8.57 -29.09
C ASN A 173 16.20 7.66 -30.28
N LYS A 174 14.93 7.41 -30.51
CA LYS A 174 14.47 6.63 -31.65
C LYS A 174 15.02 7.21 -32.97
N PRO A 175 15.56 6.37 -33.87
CA PRO A 175 15.95 6.83 -35.22
C PRO A 175 14.72 7.26 -36.00
N GLY A 176 14.82 8.42 -36.64
CA GLY A 176 13.77 8.96 -37.46
C GLY A 176 12.58 9.46 -36.66
N LEU A 177 12.75 9.73 -35.36
CA LEU A 177 11.71 10.34 -34.54
C LEU A 177 11.11 11.55 -35.26
N LYS A 178 9.79 11.64 -35.37
CA LYS A 178 9.09 12.83 -35.92
C LYS A 178 8.61 13.78 -34.83
N TYR A 179 7.97 13.22 -33.81
CA TYR A 179 7.39 14.05 -32.73
C TYR A 179 7.82 13.53 -31.36
N LYS A 180 8.37 14.42 -30.54
CA LYS A 180 8.63 14.09 -29.15
C LYS A 180 7.27 13.95 -28.45
N PRO A 181 7.18 13.10 -27.42
CA PRO A 181 5.99 13.19 -26.58
C PRO A 181 5.84 14.60 -26.04
N VAL A 182 4.61 15.16 -26.06
CA VAL A 182 4.37 16.47 -25.50
C VAL A 182 4.33 16.42 -23.97
N CYS A 183 4.08 15.25 -23.43
CA CYS A 183 3.85 15.13 -22.00
C CYS A 183 4.04 13.70 -21.54
N ASN A 184 4.25 13.59 -20.23
CA ASN A 184 4.24 12.34 -19.54
C ASN A 184 3.32 12.47 -18.32
N GLN A 185 2.19 11.76 -18.39
CA GLN A 185 1.17 11.82 -17.35
C GLN A 185 1.47 10.74 -16.37
N VAL A 186 1.82 11.16 -15.15
CA VAL A 186 2.36 10.23 -14.12
C VAL A 186 1.78 10.59 -12.72
N GLU A 187 1.83 9.61 -11.80
CA GLU A 187 1.43 9.79 -10.45
C GLU A 187 2.35 10.82 -9.79
N CYS A 188 1.75 11.86 -9.23
CA CYS A 188 2.52 13.01 -8.73
C CYS A 188 1.70 13.82 -7.75
N HIS A 189 2.25 13.94 -6.55
CA HIS A 189 1.62 14.57 -5.43
C HIS A 189 2.72 14.83 -4.38
N PRO A 190 2.40 15.51 -3.27
CA PRO A 190 3.45 15.79 -2.29
C PRO A 190 4.14 14.58 -1.62
N TYR A 191 3.50 13.41 -1.57
CA TYR A 191 4.17 12.19 -1.18
C TYR A 191 5.03 11.47 -2.23
N PHE A 192 5.02 11.96 -3.47
CA PHE A 192 5.76 11.34 -4.56
C PHE A 192 5.78 12.43 -5.63
N ASN A 193 6.65 13.41 -5.39
CA ASN A 193 6.62 14.63 -6.16
C ASN A 193 7.33 14.55 -7.48
N ARG A 194 8.09 13.47 -7.69
CA ARG A 194 8.75 13.19 -8.94
C ARG A 194 9.79 14.28 -9.38
N SER A 195 10.44 14.99 -8.45
CA SER A 195 11.28 16.18 -8.85
C SER A 195 12.36 15.81 -9.88
N LYS A 196 12.98 14.64 -9.74
CA LYS A 196 14.01 14.17 -10.61
C LYS A 196 13.46 13.91 -12.03
N LEU A 197 12.34 13.22 -12.11
CA LEU A 197 11.63 13.06 -13.38
C LEU A 197 11.17 14.38 -13.99
N LEU A 198 10.71 15.28 -13.13
CA LEU A 198 10.25 16.59 -13.56
C LEU A 198 11.41 17.41 -14.17
N ASP A 199 12.54 17.41 -13.49
CA ASP A 199 13.76 18.07 -14.03
C ASP A 199 14.09 17.50 -15.38
N PHE A 200 14.08 16.18 -15.49
CA PHE A 200 14.35 15.59 -16.76
C PHE A 200 13.38 16.04 -17.86
N CYS A 201 12.09 15.92 -17.59
CA CYS A 201 11.01 16.34 -18.52
C CYS A 201 11.19 17.79 -18.95
N LYS A 202 11.46 18.67 -18.00
CA LYS A 202 11.67 20.08 -18.30
C LYS A 202 12.89 20.29 -19.21
N SER A 203 13.99 19.62 -18.91
CA SER A 203 15.17 19.66 -19.80
C SER A 203 14.91 19.22 -21.26
N LYS A 204 13.87 18.41 -21.50
CA LYS A 204 13.50 17.95 -22.83
C LYS A 204 12.27 18.63 -23.40
N ASP A 205 11.75 19.66 -22.71
CA ASP A 205 10.49 20.33 -23.08
C ASP A 205 9.23 19.41 -23.09
N ILE A 206 9.17 18.50 -22.12
CA ILE A 206 8.07 17.56 -22.02
C ILE A 206 7.38 17.93 -20.74
N VAL A 207 6.08 18.15 -20.82
CA VAL A 207 5.31 18.61 -19.68
C VAL A 207 4.96 17.43 -18.84
N LEU A 208 5.13 17.55 -17.54
CA LEU A 208 4.73 16.49 -16.63
C LEU A 208 3.30 16.80 -16.24
N VAL A 209 2.41 15.83 -16.40
CA VAL A 209 1.00 15.98 -16.06
C VAL A 209 0.80 15.07 -14.84
N ALA A 210 0.31 15.64 -13.73
CA ALA A 210 0.13 14.92 -12.49
C ALA A 210 -1.23 14.27 -12.38
N TYR A 211 -1.26 12.97 -12.17
CA TYR A 211 -2.47 12.29 -11.69
C TYR A 211 -2.34 11.85 -10.23
N SER A 212 -3.49 11.60 -9.62
CA SER A 212 -3.60 11.30 -8.16
C SER A 212 -2.98 12.43 -7.35
N ALA A 213 -3.15 13.64 -7.87
CA ALA A 213 -2.60 14.87 -7.28
C ALA A 213 -3.26 15.17 -5.98
N LEU A 214 -4.49 14.64 -5.80
CA LEU A 214 -5.17 14.74 -4.55
C LEU A 214 -5.05 13.45 -3.69
N GLY A 215 -4.19 12.53 -4.07
CA GLY A 215 -3.86 11.34 -3.26
C GLY A 215 -4.63 10.09 -3.66
N SER A 216 -5.19 10.12 -4.87
CA SER A 216 -5.88 9.01 -5.49
C SER A 216 -7.30 8.83 -4.93
N GLN A 217 -8.07 7.99 -5.58
CA GLN A 217 -9.40 7.58 -5.07
C GLN A 217 -9.26 6.43 -4.08
N ARG A 218 -8.04 5.98 -3.83
CA ARG A 218 -7.77 4.99 -2.79
C ARG A 218 -8.63 3.70 -3.04
N ASP A 219 -8.74 3.31 -4.29
CA ASP A 219 -9.47 2.13 -4.69
C ASP A 219 -8.75 0.90 -4.04
N LYS A 220 -9.49 0.13 -3.26
CA LYS A 220 -9.01 -1.13 -2.65
C LYS A 220 -8.25 -2.05 -3.60
N ARG A 221 -8.69 -2.12 -4.84
CA ARG A 221 -8.03 -2.95 -5.84
C ARG A 221 -6.54 -2.61 -6.05
N TRP A 222 -6.19 -1.35 -5.91
CA TRP A 222 -4.82 -0.85 -6.23
C TRP A 222 -4.13 -0.07 -5.12
N VAL A 223 -4.85 0.46 -4.15
CA VAL A 223 -4.22 1.26 -3.09
C VAL A 223 -4.37 0.61 -1.74
N ASP A 224 -3.27 0.58 -0.95
CA ASP A 224 -3.36 0.09 0.40
C ASP A 224 -4.21 1.07 1.20
N PRO A 225 -5.29 0.61 1.86
CA PRO A 225 -6.13 1.50 2.68
C PRO A 225 -5.51 2.09 3.97
N ASN A 226 -4.41 1.52 4.44
CA ASN A 226 -3.66 2.11 5.54
C ASN A 226 -2.50 2.99 5.13
N SER A 227 -2.37 3.24 3.84
CA SER A 227 -1.44 4.26 3.37
C SER A 227 -1.93 5.59 3.92
N PRO A 228 -1.06 6.56 4.11
CA PRO A 228 -1.48 7.83 4.66
C PRO A 228 -2.38 8.54 3.67
N VAL A 229 -3.36 9.27 4.18
CA VAL A 229 -4.34 9.93 3.34
C VAL A 229 -3.76 11.29 3.07
N LEU A 230 -3.46 11.56 1.81
CA LEU A 230 -2.68 12.77 1.48
C LEU A 230 -3.34 14.04 1.99
N LEU A 231 -4.65 14.19 1.79
CA LEU A 231 -5.30 15.45 2.15
C LEU A 231 -5.43 15.65 3.65
N GLU A 232 -5.15 14.61 4.45
CA GLU A 232 -5.03 14.76 5.92
C GLU A 232 -3.62 15.17 6.36
N ASP A 233 -2.67 15.41 5.46
CA ASP A 233 -1.32 15.73 5.93
C ASP A 233 -1.33 17.01 6.79
N PRO A 234 -0.64 16.99 7.95
CA PRO A 234 -0.73 18.20 8.80
C PRO A 234 -0.10 19.45 8.16
N VAL A 235 0.91 19.28 7.31
CA VAL A 235 1.54 20.45 6.62
C VAL A 235 0.57 21.05 5.58
N LEU A 236 -0.11 20.16 4.85
CA LEU A 236 -1.13 20.62 3.90
C LEU A 236 -2.25 21.29 4.58
N CYS A 237 -2.72 20.69 5.69
CA CYS A 237 -3.77 21.33 6.49
C CYS A 237 -3.33 22.70 7.08
N ALA A 238 -2.11 22.82 7.55
CA ALA A 238 -1.70 24.09 8.18
C ALA A 238 -1.54 25.15 7.12
N LEU A 239 -1.05 24.80 5.95
CA LEU A 239 -1.02 25.76 4.81
C LEU A 239 -2.42 26.16 4.34
N ALA A 240 -3.35 25.22 4.36
CA ALA A 240 -4.74 25.52 4.00
C ALA A 240 -5.32 26.61 4.94
N LYS A 241 -5.13 26.40 6.23
CA LYS A 241 -5.54 27.36 7.28
C LYS A 241 -4.87 28.72 7.09
N LYS A 242 -3.55 28.71 6.87
CA LYS A 242 -2.79 29.96 6.62
C LYS A 242 -3.35 30.75 5.43
N HIS A 243 -3.57 30.06 4.31
CA HIS A 243 -4.15 30.70 3.15
C HIS A 243 -5.69 30.83 3.11
N LYS A 244 -6.40 30.30 4.10
CA LYS A 244 -7.86 30.21 4.04
C LYS A 244 -8.34 29.48 2.77
N ARG A 245 -7.70 28.36 2.48
CA ARG A 245 -8.09 27.53 1.34
C ARG A 245 -8.36 26.16 1.92
N THR A 246 -8.17 25.10 1.15
CA THR A 246 -8.33 23.76 1.61
C THR A 246 -7.07 22.96 1.30
N PRO A 247 -6.91 21.80 1.93
CA PRO A 247 -5.76 20.97 1.56
C PRO A 247 -5.71 20.58 0.07
N ALA A 248 -6.84 20.23 -0.53
CA ALA A 248 -6.90 19.98 -2.01
C ALA A 248 -6.34 21.14 -2.81
N LEU A 249 -6.81 22.33 -2.52
CA LEU A 249 -6.31 23.52 -3.21
C LEU A 249 -4.82 23.75 -3.05
N ILE A 250 -4.29 23.52 -1.85
CA ILE A 250 -2.84 23.62 -1.62
C ILE A 250 -2.07 22.62 -2.54
N ALA A 251 -2.55 21.39 -2.57
CA ALA A 251 -1.92 20.34 -3.33
C ALA A 251 -1.99 20.62 -4.82
N LEU A 252 -3.12 21.16 -5.29
CA LEU A 252 -3.20 21.54 -6.68
C LEU A 252 -2.27 22.72 -7.00
N ARG A 253 -2.25 23.74 -6.15
CA ARG A 253 -1.46 24.90 -6.42
C ARG A 253 0.08 24.63 -6.49
N TYR A 254 0.49 23.71 -5.61
CA TYR A 254 1.85 23.23 -5.58
C TYR A 254 2.31 22.84 -6.95
N GLN A 255 1.51 22.01 -7.59
CA GLN A 255 1.84 21.50 -8.88
C GLN A 255 1.95 22.60 -9.89
N LEU A 256 0.95 23.47 -9.93
CA LEU A 256 0.98 24.58 -10.89
C LEU A 256 2.27 25.45 -10.76
N GLN A 257 2.72 25.69 -9.54
CA GLN A 257 3.86 26.58 -9.32
C GLN A 257 5.20 25.89 -9.58
N ARG A 258 5.22 24.55 -9.74
CA ARG A 258 6.48 23.89 -10.17
C ARG A 258 6.48 23.58 -11.65
N GLY A 259 5.55 24.15 -12.39
CA GLY A 259 5.44 23.93 -13.81
C GLY A 259 4.78 22.64 -14.24
N VAL A 260 4.03 22.01 -13.33
CA VAL A 260 3.36 20.71 -13.58
C VAL A 260 1.92 21.05 -13.97
N VAL A 261 1.37 20.35 -14.95
CA VAL A 261 -0.02 20.46 -15.30
C VAL A 261 -0.70 19.44 -14.41
N VAL A 262 -1.81 19.83 -13.77
CA VAL A 262 -2.44 19.01 -12.73
C VAL A 262 -3.87 18.60 -13.01
N LEU A 263 -4.14 17.33 -12.82
CA LEU A 263 -5.50 16.80 -12.95
C LEU A 263 -6.14 16.77 -11.56
N ALA A 264 -7.47 16.89 -11.53
CA ALA A 264 -8.24 16.75 -10.29
C ALA A 264 -9.56 16.10 -10.65
N LYS A 265 -9.81 14.89 -10.13
CA LYS A 265 -11.15 14.28 -10.27
C LYS A 265 -12.06 14.67 -9.12
N SER A 266 -13.29 15.02 -9.44
CA SER A 266 -14.34 15.08 -8.47
C SER A 266 -15.66 14.82 -9.19
N TYR A 267 -16.49 14.04 -8.52
CA TYR A 267 -17.87 13.83 -8.99
C TYR A 267 -18.85 14.59 -8.12
N ASN A 268 -18.36 15.55 -7.37
CA ASN A 268 -19.19 16.29 -6.40
C ASN A 268 -19.22 17.72 -6.87
N GLU A 269 -20.42 18.24 -7.11
CA GLU A 269 -20.54 19.59 -7.64
C GLU A 269 -19.75 20.65 -6.86
N GLN A 270 -19.81 20.61 -5.54
CA GLN A 270 -19.14 21.67 -4.75
C GLN A 270 -17.59 21.56 -4.76
N ARG A 271 -17.06 20.34 -4.82
CA ARG A 271 -15.60 20.13 -4.87
C ARG A 271 -15.10 20.45 -6.26
N ILE A 272 -15.90 20.13 -7.30
CA ILE A 272 -15.53 20.53 -8.65
C ILE A 272 -15.36 22.08 -8.68
N ARG A 273 -16.34 22.80 -8.12
CA ARG A 273 -16.31 24.25 -8.22
C ARG A 273 -15.24 24.79 -7.30
N GLN A 274 -14.91 24.10 -6.21
CA GLN A 274 -13.78 24.50 -5.36
C GLN A 274 -12.45 24.42 -6.11
N ASN A 275 -12.28 23.33 -6.85
CA ASN A 275 -11.00 23.05 -7.46
C ASN A 275 -10.54 24.10 -8.47
N VAL A 276 -11.49 24.77 -9.12
CA VAL A 276 -11.16 25.85 -10.03
C VAL A 276 -10.62 27.09 -9.35
N GLN A 277 -10.75 27.18 -8.03
CA GLN A 277 -10.22 28.32 -7.27
C GLN A 277 -8.71 28.34 -7.15
N VAL A 278 -8.06 27.30 -7.65
CA VAL A 278 -6.61 27.18 -7.62
C VAL A 278 -5.89 28.38 -8.21
N PHE A 279 -6.54 29.09 -9.12
CA PHE A 279 -5.94 30.27 -9.74
C PHE A 279 -6.13 31.53 -8.90
N GLU A 280 -6.82 31.46 -7.75
CA GLU A 280 -7.12 32.66 -6.94
C GLU A 280 -6.04 33.02 -5.94
N PHE A 281 -5.04 32.18 -5.72
CA PHE A 281 -4.05 32.46 -4.67
C PHE A 281 -2.69 31.94 -5.09
N GLN A 282 -1.68 32.27 -4.31
CA GLN A 282 -0.38 31.69 -4.57
C GLN A 282 0.35 31.31 -3.30
N LEU A 283 1.08 30.20 -3.41
CA LEU A 283 1.94 29.74 -2.34
C LEU A 283 3.27 30.52 -2.40
N THR A 284 3.82 30.83 -1.25
CA THR A 284 5.18 31.47 -1.17
C THR A 284 6.24 30.41 -1.49
N ALA A 285 7.49 30.84 -1.67
CA ALA A 285 8.59 29.92 -1.96
C ALA A 285 8.79 29.04 -0.76
N GLU A 286 8.62 29.60 0.44
CA GLU A 286 8.74 28.80 1.65
C GLU A 286 7.67 27.75 1.78
N ASP A 287 6.45 28.12 1.42
CA ASP A 287 5.38 27.14 1.35
C ASP A 287 5.75 26.01 0.41
N MET A 288 6.29 26.33 -0.75
CA MET A 288 6.62 25.32 -1.72
C MET A 288 7.71 24.37 -1.13
N LYS A 289 8.75 24.91 -0.51
CA LYS A 289 9.79 24.07 0.12
C LYS A 289 9.20 23.16 1.19
N ALA A 290 8.25 23.67 1.96
CA ALA A 290 7.62 22.86 2.98
C ALA A 290 6.90 21.69 2.33
N ILE A 291 6.18 21.94 1.24
CA ILE A 291 5.48 20.83 0.55
C ILE A 291 6.51 19.86 -0.06
N ASP A 292 7.62 20.37 -0.60
CA ASP A 292 8.70 19.52 -1.15
C ASP A 292 9.21 18.58 -0.10
N GLY A 293 9.24 19.04 1.15
CA GLY A 293 9.70 18.22 2.27
C GLY A 293 8.84 17.02 2.56
N LEU A 294 7.60 16.94 2.01
CA LEU A 294 6.66 15.81 2.33
C LEU A 294 6.97 14.53 1.54
N ASP A 295 7.82 14.63 0.52
CA ASP A 295 8.10 13.52 -0.34
C ASP A 295 8.51 12.31 0.48
N ARG A 296 7.81 11.21 0.29
CA ARG A 296 8.20 9.94 0.91
C ARG A 296 8.23 8.78 -0.07
N ASN A 297 8.42 9.09 -1.35
CA ASN A 297 8.54 8.09 -2.41
C ASN A 297 7.40 7.06 -2.35
N LEU A 298 6.17 7.54 -2.26
CA LEU A 298 5.01 6.70 -2.03
C LEU A 298 4.14 6.74 -3.26
N HIS A 299 4.14 5.68 -4.03
CA HIS A 299 3.16 5.60 -5.13
C HIS A 299 1.96 4.81 -4.62
N TYR A 300 0.79 5.45 -4.64
CA TYR A 300 -0.41 4.83 -4.14
C TYR A 300 -0.80 3.58 -4.91
N PHE A 301 -0.64 3.65 -6.21
CA PHE A 301 -0.99 2.52 -7.03
C PHE A 301 0.05 1.40 -6.82
N ASN A 302 -0.44 0.20 -6.47
CA ASN A 302 0.39 -1.01 -6.39
C ASN A 302 -0.28 -2.21 -6.91
N SER A 303 0.54 -3.07 -7.51
CA SER A 303 0.14 -4.40 -7.96
C SER A 303 1.32 -5.36 -8.02
N ASP A 304 1.26 -6.40 -7.17
CA ASP A 304 2.21 -7.51 -7.27
C ASP A 304 2.38 -8.07 -8.72
N SER A 305 1.28 -8.31 -9.43
CA SER A 305 1.41 -8.80 -10.82
C SER A 305 2.09 -7.80 -11.75
N PHE A 306 1.71 -6.54 -11.68
CA PHE A 306 2.28 -5.61 -12.61
C PHE A 306 3.74 -5.32 -12.22
N ALA A 307 4.10 -5.40 -10.93
CA ALA A 307 5.51 -5.17 -10.48
C ALA A 307 6.55 -6.03 -11.21
N SER A 308 6.14 -7.22 -11.66
CA SER A 308 7.00 -8.15 -12.35
C SER A 308 6.94 -7.92 -13.90
N HIS A 309 6.16 -6.96 -14.38
CA HIS A 309 6.15 -6.66 -15.84
C HIS A 309 7.52 -6.04 -16.23
N PRO A 310 8.20 -6.51 -17.31
CA PRO A 310 9.51 -5.93 -17.66
C PRO A 310 9.50 -4.43 -17.83
N ASN A 311 8.35 -3.90 -18.19
CA ASN A 311 8.15 -2.48 -18.41
C ASN A 311 7.53 -1.74 -17.21
N TYR A 312 7.50 -2.37 -16.03
CA TYR A 312 7.01 -1.73 -14.84
C TYR A 312 7.88 -0.50 -14.59
N PRO A 313 7.28 0.67 -14.43
CA PRO A 313 8.09 1.90 -14.45
C PRO A 313 8.77 2.22 -13.11
N TYR A 314 8.38 1.56 -12.04
CA TYR A 314 8.96 1.79 -10.75
C TYR A 314 9.98 0.67 -10.36
N SER A 315 10.41 -0.23 -11.24
CA SER A 315 11.34 -1.37 -10.84
C SER A 315 12.80 -0.96 -10.57
N GLN B 1 -1.54 5.55 12.35
CA GLN B 1 -0.11 5.32 12.63
C GLN B 1 0.29 3.94 12.15
N CYS B 2 0.83 3.93 10.93
CA CYS B 2 1.22 2.72 10.24
C CYS B 2 2.62 2.87 9.73
N VAL B 3 3.30 1.75 9.56
CA VAL B 3 4.62 1.73 8.98
C VAL B 3 4.51 1.09 7.58
N LYS B 4 5.30 1.61 6.65
CA LYS B 4 5.40 1.08 5.30
C LYS B 4 6.24 -0.18 5.29
N LEU B 5 5.67 -1.28 4.81
CA LEU B 5 6.43 -2.50 4.70
C LEU B 5 7.26 -2.50 3.38
N ASN B 6 8.25 -3.39 3.29
CA ASN B 6 9.13 -3.51 2.09
C ASN B 6 8.41 -4.04 0.85
N ASP B 7 7.15 -4.54 0.96
CA ASP B 7 6.31 -4.84 -0.23
C ASP B 7 5.30 -3.73 -0.62
N GLY B 8 5.40 -2.58 0.02
CA GLY B 8 4.52 -1.46 -0.20
C GLY B 8 3.24 -1.43 0.64
N HIS B 9 2.90 -2.50 1.34
CA HIS B 9 1.72 -2.49 2.23
C HIS B 9 2.04 -1.70 3.51
N PHE B 10 1.01 -1.38 4.31
CA PHE B 10 1.13 -0.54 5.51
C PHE B 10 0.61 -1.35 6.70
N MET B 11 1.33 -1.31 7.82
CA MET B 11 1.00 -2.16 9.00
C MET B 11 0.81 -1.23 10.20
N PRO B 12 -0.35 -1.31 10.89
CA PRO B 12 -0.49 -0.46 12.06
C PRO B 12 0.55 -0.81 13.13
N VAL B 13 1.17 0.23 13.70
CA VAL B 13 2.28 0.02 14.61
C VAL B 13 1.90 -0.54 15.98
N LEU B 14 0.63 -0.48 16.35
CA LEU B 14 0.10 -1.12 17.55
C LEU B 14 -0.79 -2.24 17.17
N GLY B 15 -0.45 -3.43 17.66
CA GLY B 15 -1.24 -4.62 17.39
C GLY B 15 -1.84 -5.26 18.66
N PHE B 16 -3.01 -5.89 18.48
CA PHE B 16 -3.67 -6.58 19.56
C PHE B 16 -3.24 -8.05 19.60
N GLY B 17 -2.75 -8.49 20.76
CA GLY B 17 -2.33 -9.88 20.95
C GLY B 17 -3.48 -10.75 21.42
N THR B 18 -3.76 -11.84 20.71
CA THR B 18 -5.00 -12.60 20.99
C THR B 18 -4.80 -13.90 21.74
N TYR B 19 -3.56 -14.35 21.91
CA TYR B 19 -3.33 -15.64 22.58
C TYR B 19 -3.73 -15.61 24.08
N ALA B 20 -4.49 -16.62 24.51
CA ALA B 20 -4.73 -16.86 25.89
C ALA B 20 -4.63 -18.38 26.13
N PRO B 21 -4.18 -18.77 27.33
CA PRO B 21 -4.01 -20.18 27.59
C PRO B 21 -5.31 -20.96 27.44
N PRO B 22 -5.18 -22.29 27.20
CA PRO B 22 -6.32 -23.16 26.86
C PRO B 22 -7.36 -23.27 27.97
N GLU B 23 -7.03 -22.90 29.19
CA GLU B 23 -8.03 -22.79 30.28
C GLU B 23 -9.05 -21.68 30.02
N VAL B 24 -8.72 -20.70 29.16
CA VAL B 24 -9.58 -19.56 28.99
C VAL B 24 -10.59 -19.97 27.94
N PRO B 25 -11.90 -19.87 28.26
CA PRO B 25 -12.93 -20.23 27.28
C PRO B 25 -12.73 -19.42 25.96
N ARG B 26 -12.91 -20.06 24.81
CA ARG B 26 -12.66 -19.40 23.52
C ARG B 26 -13.63 -18.23 23.25
N SER B 27 -14.82 -18.27 23.84
CA SER B 27 -15.79 -17.15 23.80
C SER B 27 -15.18 -15.85 24.31
N LYS B 28 -14.22 -15.92 25.22
CA LYS B 28 -13.52 -14.76 25.67
C LYS B 28 -12.78 -14.09 24.55
N ALA B 29 -12.09 -14.85 23.68
CA ALA B 29 -11.42 -14.27 22.51
C ALA B 29 -12.36 -13.46 21.63
N LEU B 30 -13.59 -13.96 21.50
CA LEU B 30 -14.58 -13.27 20.70
C LEU B 30 -14.91 -11.92 21.36
N GLU B 31 -15.22 -11.95 22.66
CA GLU B 31 -15.55 -10.77 23.45
C GLU B 31 -14.43 -9.75 23.42
N VAL B 32 -13.22 -10.17 23.72
CA VAL B 32 -12.12 -9.23 23.90
C VAL B 32 -11.64 -8.65 22.58
N THR B 33 -11.73 -9.40 21.49
CA THR B 33 -11.37 -8.87 20.18
C THR B 33 -12.36 -7.78 19.75
N LYS B 34 -13.65 -7.98 20.03
CA LYS B 34 -14.65 -6.90 19.81
C LYS B 34 -14.29 -5.68 20.66
N LEU B 35 -13.93 -5.88 21.93
CA LEU B 35 -13.56 -4.79 22.77
C LEU B 35 -12.31 -4.07 22.22
N ALA B 36 -11.34 -4.82 21.71
CA ALA B 36 -10.11 -4.24 21.20
C ALA B 36 -10.41 -3.31 20.01
N ILE B 37 -11.28 -3.79 19.14
CA ILE B 37 -11.67 -3.02 17.96
C ILE B 37 -12.45 -1.77 18.38
N GLU B 38 -13.35 -1.91 19.33
CA GLU B 38 -14.10 -0.77 19.86
C GLU B 38 -13.14 0.26 20.47
N ALA B 39 -12.06 -0.16 21.13
CA ALA B 39 -11.07 0.77 21.69
C ALA B 39 -10.21 1.50 20.66
N GLY B 40 -10.10 0.96 19.44
CA GLY B 40 -9.30 1.52 18.38
C GLY B 40 -8.20 0.60 17.82
N PHE B 41 -7.98 -0.62 18.37
CA PHE B 41 -7.00 -1.52 17.77
C PHE B 41 -7.48 -1.93 16.38
N ARG B 42 -6.56 -1.94 15.43
CA ARG B 42 -6.88 -2.25 14.03
C ARG B 42 -6.05 -3.43 13.51
N HIS B 43 -4.86 -3.61 14.08
CA HIS B 43 -3.90 -4.70 13.80
C HIS B 43 -4.22 -5.77 14.85
N ILE B 44 -4.51 -6.98 14.40
CA ILE B 44 -4.91 -8.09 15.25
C ILE B 44 -4.03 -9.31 14.89
N ASP B 45 -3.39 -9.89 15.92
CA ASP B 45 -2.37 -10.95 15.80
C ASP B 45 -2.90 -12.28 16.31
N SER B 46 -3.10 -13.21 15.40
CA SER B 46 -3.54 -14.56 15.75
C SER B 46 -2.62 -15.60 15.09
N ALA B 47 -2.98 -16.88 15.20
CA ALA B 47 -2.16 -17.95 14.63
C ALA B 47 -2.99 -19.23 14.66
N HIS B 48 -2.67 -20.18 13.79
CA HIS B 48 -3.25 -21.53 13.88
C HIS B 48 -3.00 -22.11 15.30
N LEU B 49 -1.79 -21.92 15.81
CA LEU B 49 -1.48 -22.39 17.14
C LEU B 49 -2.46 -21.98 18.23
N TYR B 50 -3.09 -20.83 18.10
CA TYR B 50 -3.80 -20.24 19.25
C TYR B 50 -5.17 -20.83 19.48
N ASN B 51 -5.67 -21.56 18.47
CA ASN B 51 -6.99 -22.18 18.55
C ASN B 51 -8.11 -21.16 18.80
N ASN B 52 -8.02 -20.02 18.12
CA ASN B 52 -8.94 -18.93 18.32
C ASN B 52 -9.30 -18.22 17.04
N GLU B 53 -8.88 -18.72 15.86
CA GLU B 53 -9.08 -17.98 14.61
C GLU B 53 -10.56 -17.85 14.28
N GLU B 54 -11.35 -18.84 14.63
CA GLU B 54 -12.79 -18.71 14.45
C GLU B 54 -13.36 -17.56 15.26
N GLN B 55 -13.00 -17.49 16.55
CA GLN B 55 -13.56 -16.49 17.50
C GLN B 55 -13.04 -15.10 17.15
N VAL B 56 -11.77 -15.04 16.83
CA VAL B 56 -11.16 -13.78 16.44
C VAL B 56 -11.78 -13.29 15.14
N GLY B 57 -11.92 -14.16 14.15
CA GLY B 57 -12.55 -13.82 12.88
C GLY B 57 -14.00 -13.36 13.02
N LEU B 58 -14.77 -14.08 13.84
CA LEU B 58 -16.17 -13.73 14.09
C LEU B 58 -16.24 -12.33 14.73
N ALA B 59 -15.27 -11.97 15.60
CA ALA B 59 -15.22 -10.60 16.20
C ALA B 59 -15.06 -9.58 15.11
N ILE B 60 -14.06 -9.82 14.25
CA ILE B 60 -13.76 -8.96 13.12
C ILE B 60 -14.99 -8.80 12.22
N ARG B 61 -15.58 -9.94 11.84
CA ARG B 61 -16.73 -9.98 10.94
C ARG B 61 -17.94 -9.29 11.55
N SER B 62 -18.10 -9.45 12.84
CA SER B 62 -19.14 -8.79 13.59
C SER B 62 -19.01 -7.23 13.54
N LYS B 63 -17.80 -6.72 13.76
CA LYS B 63 -17.58 -5.27 13.75
C LYS B 63 -17.63 -4.70 12.33
N ILE B 64 -17.34 -5.53 11.33
CA ILE B 64 -17.44 -5.13 9.92
C ILE B 64 -18.96 -5.06 9.62
N ALA B 65 -19.69 -6.10 10.03
CA ALA B 65 -21.11 -6.22 9.69
C ALA B 65 -21.94 -5.10 10.29
N ASP B 66 -21.61 -4.73 11.52
CA ASP B 66 -22.39 -3.70 12.20
C ASP B 66 -21.90 -2.28 11.80
N GLY B 67 -20.90 -2.18 10.91
CA GLY B 67 -20.48 -0.87 10.40
C GLY B 67 -19.50 -0.09 11.28
N SER B 68 -19.00 -0.65 12.41
CA SER B 68 -17.87 0.02 13.16
C SER B 68 -16.60 0.13 12.30
N VAL B 69 -16.29 -0.88 11.47
CA VAL B 69 -15.09 -0.88 10.65
C VAL B 69 -15.40 -1.49 9.27
N LYS B 70 -14.54 -1.18 8.30
CA LYS B 70 -14.55 -1.93 7.03
C LYS B 70 -13.46 -3.01 7.13
N ARG B 71 -13.58 -4.06 6.33
CA ARG B 71 -12.52 -5.08 6.27
C ARG B 71 -11.13 -4.47 6.01
N GLU B 72 -11.09 -3.46 5.15
CA GLU B 72 -9.87 -2.79 4.75
C GLU B 72 -9.18 -2.00 5.91
N ASP B 73 -9.96 -1.65 6.91
CA ASP B 73 -9.44 -1.00 8.11
C ASP B 73 -8.75 -1.99 9.06
N ILE B 74 -8.96 -3.28 8.90
CA ILE B 74 -8.42 -4.27 9.80
C ILE B 74 -7.19 -4.91 9.21
N PHE B 75 -6.13 -5.03 10.02
CA PHE B 75 -4.88 -5.68 9.60
C PHE B 75 -4.76 -6.99 10.41
N TYR B 76 -5.07 -8.12 9.79
CA TYR B 76 -5.15 -9.40 10.42
C TYR B 76 -3.96 -10.29 10.08
N THR B 77 -3.31 -10.80 11.13
CA THR B 77 -2.17 -11.67 10.99
C THR B 77 -2.53 -13.06 11.40
N SER B 78 -2.14 -14.01 10.56
CA SER B 78 -2.06 -15.41 11.03
C SER B 78 -0.69 -15.97 10.84
N LYS B 79 -0.51 -17.22 11.27
CA LYS B 79 0.79 -17.83 11.24
C LYS B 79 0.69 -19.31 10.91
N LEU B 80 1.69 -19.74 10.13
CA LEU B 80 1.88 -21.09 9.67
C LEU B 80 2.55 -21.87 10.77
N TRP B 81 1.87 -22.90 11.25
CA TRP B 81 2.43 -23.64 12.32
C TRP B 81 3.49 -24.58 11.77
N SER B 82 4.38 -24.96 12.66
CA SER B 82 5.59 -25.72 12.40
C SER B 82 5.41 -27.14 11.82
N THR B 83 4.23 -27.75 11.97
CA THR B 83 3.94 -29.03 11.34
C THR B 83 3.58 -28.86 9.88
N PHE B 84 3.55 -27.62 9.36
CA PHE B 84 3.13 -27.34 8.00
C PHE B 84 4.22 -26.67 7.17
N HIS B 85 5.46 -26.77 7.61
CA HIS B 85 6.59 -26.18 6.87
C HIS B 85 6.89 -26.78 5.49
N ARG B 86 6.56 -28.06 5.32
CA ARG B 86 6.85 -28.71 4.03
C ARG B 86 6.06 -27.97 2.92
N PRO B 87 6.69 -27.65 1.78
CA PRO B 87 6.12 -26.65 0.87
C PRO B 87 4.68 -26.94 0.42
N GLU B 88 4.37 -28.20 0.15
CA GLU B 88 3.03 -28.62 -0.27
C GLU B 88 1.96 -28.49 0.82
N LEU B 89 2.37 -28.27 2.09
CA LEU B 89 1.40 -28.07 3.18
C LEU B 89 1.06 -26.63 3.51
N VAL B 90 1.79 -25.70 2.90
CA VAL B 90 1.74 -24.29 3.27
C VAL B 90 0.40 -23.67 2.85
N ARG B 91 0.07 -23.75 1.56
CA ARG B 91 -1.11 -23.13 1.03
C ARG B 91 -2.37 -23.72 1.67
N PRO B 92 -2.48 -25.07 1.83
CA PRO B 92 -3.67 -25.60 2.56
C PRO B 92 -3.78 -25.11 4.03
N ALA B 93 -2.65 -24.93 4.71
CA ALA B 93 -2.67 -24.40 6.05
C ALA B 93 -3.19 -22.94 6.05
N LEU B 94 -2.72 -22.15 5.09
CA LEU B 94 -3.25 -20.78 4.94
C LEU B 94 -4.74 -20.83 4.67
N GLU B 95 -5.14 -21.69 3.72
CA GLU B 95 -6.57 -21.85 3.35
C GLU B 95 -7.41 -22.27 4.55
N ASN B 96 -6.87 -23.11 5.39
CA ASN B 96 -7.61 -23.55 6.56
C ASN B 96 -7.82 -22.39 7.54
N SER B 97 -6.74 -21.66 7.80
CA SER B 97 -6.80 -20.43 8.60
C SER B 97 -7.87 -19.43 8.05
N LEU B 98 -7.85 -19.21 6.73
CA LEU B 98 -8.79 -18.30 6.06
C LEU B 98 -10.22 -18.75 6.22
N LYS B 99 -10.45 -20.06 6.15
CA LYS B 99 -11.81 -20.62 6.32
C LYS B 99 -12.29 -20.52 7.75
N LYS B 100 -11.39 -20.75 8.70
CA LYS B 100 -11.73 -20.59 10.11
C LYS B 100 -12.13 -19.18 10.45
N ALA B 101 -11.31 -18.21 10.04
CA ALA B 101 -11.60 -16.83 10.30
C ALA B 101 -12.69 -16.25 9.38
N GLN B 102 -13.02 -16.97 8.32
CA GLN B 102 -13.98 -16.55 7.29
C GLN B 102 -13.56 -15.24 6.69
N LEU B 103 -12.29 -15.23 6.34
CA LEU B 103 -11.71 -14.09 5.63
C LEU B 103 -11.26 -14.49 4.25
N ASP B 104 -11.18 -13.53 3.34
CA ASP B 104 -10.72 -13.79 1.94
C ASP B 104 -9.20 -13.79 1.83
N TYR B 105 -8.56 -12.99 2.68
CA TYR B 105 -7.12 -12.87 2.71
C TYR B 105 -6.72 -12.53 4.16
N VAL B 106 -5.50 -12.86 4.52
CA VAL B 106 -4.89 -12.35 5.74
C VAL B 106 -4.06 -11.17 5.28
N ASP B 107 -3.99 -10.13 6.13
CA ASP B 107 -3.09 -9.05 5.82
C ASP B 107 -1.64 -9.47 5.93
N LEU B 108 -1.36 -10.47 6.76
CA LEU B 108 0.01 -10.93 6.98
C LEU B 108 0.03 -12.40 7.39
N TYR B 109 0.89 -13.18 6.71
CA TYR B 109 1.10 -14.58 7.07
C TYR B 109 2.56 -14.78 7.45
N LEU B 110 2.82 -15.34 8.62
CA LEU B 110 4.16 -15.56 9.08
C LEU B 110 4.51 -17.01 9.18
N ILE B 111 5.75 -17.37 8.90
CA ILE B 111 6.28 -18.62 9.42
C ILE B 111 6.45 -18.43 10.95
N HIS B 112 5.71 -19.22 11.72
CA HIS B 112 5.60 -18.99 13.19
C HIS B 112 6.95 -19.20 13.92
N SER B 113 7.71 -20.17 13.44
CA SER B 113 8.95 -20.61 14.09
C SER B 113 9.84 -21.32 13.07
N PRO B 114 11.17 -21.11 13.17
CA PRO B 114 12.04 -21.88 12.29
C PRO B 114 12.14 -23.36 12.69
N MET B 115 11.57 -23.73 13.84
CA MET B 115 11.73 -25.09 14.37
C MET B 115 10.66 -26.04 13.83
N SER B 116 10.96 -26.64 12.68
CA SER B 116 10.01 -27.49 12.01
C SER B 116 9.70 -28.75 12.88
N LEU B 117 8.44 -29.20 12.76
CA LEU B 117 7.90 -30.36 13.50
C LEU B 117 7.29 -31.39 12.53
N LYS B 118 7.31 -32.68 12.91
CA LYS B 118 6.89 -33.75 11.99
C LYS B 118 5.47 -33.43 11.50
N PRO B 119 5.25 -33.46 10.20
CA PRO B 119 3.94 -33.20 9.63
C PRO B 119 2.98 -34.37 9.71
N GLY B 120 1.79 -34.16 9.13
CA GLY B 120 0.96 -35.28 8.68
C GLY B 120 0.40 -36.09 9.84
N GLU B 121 0.23 -37.37 9.55
CA GLU B 121 -0.62 -38.26 10.31
C GLU B 121 0.33 -39.35 10.71
N GLU B 122 0.34 -39.74 11.97
CA GLU B 122 1.06 -40.91 12.40
C GLU B 122 0.30 -42.08 11.66
N LEU B 123 0.10 -43.22 12.25
CA LEU B 123 -0.43 -44.41 11.54
C LEU B 123 -0.82 -45.47 12.55
N SER B 124 -0.11 -45.50 13.68
CA SER B 124 -0.51 -46.27 14.87
C SER B 124 -1.41 -45.43 15.79
N PRO B 125 -2.29 -46.08 16.56
CA PRO B 125 -3.15 -45.32 17.45
C PRO B 125 -2.46 -44.52 18.58
N THR B 126 -1.35 -45.03 19.12
CA THR B 126 -0.71 -44.40 20.29
C THR B 126 0.80 -44.24 20.32
N ASP B 127 1.56 -44.88 19.42
CA ASP B 127 3.03 -45.06 19.62
C ASP B 127 3.75 -43.71 19.93
N GLU B 128 3.40 -42.71 19.14
CA GLU B 128 4.01 -41.40 19.17
C GLU B 128 3.25 -40.46 20.09
N ASN B 129 2.26 -40.93 20.88
CA ASN B 129 1.52 -39.98 21.73
C ASN B 129 2.42 -39.24 22.74
N GLY B 130 2.35 -37.91 22.74
CA GLY B 130 3.04 -37.06 23.72
C GLY B 130 4.49 -36.63 23.42
N LYS B 131 5.05 -37.06 22.29
CA LYS B 131 6.53 -37.09 22.15
C LYS B 131 7.36 -35.84 21.72
N VAL B 132 6.77 -34.97 20.90
CA VAL B 132 7.46 -33.88 20.13
C VAL B 132 8.48 -34.41 19.16
N ILE B 133 8.12 -34.46 17.90
CA ILE B 133 9.00 -34.98 16.88
C ILE B 133 9.46 -33.85 15.97
N PHE B 134 10.77 -33.64 15.91
CA PHE B 134 11.31 -32.66 15.02
C PHE B 134 11.26 -33.08 13.55
N ASP B 135 11.32 -32.12 12.67
CA ASP B 135 11.41 -32.40 11.26
C ASP B 135 12.52 -31.49 10.70
N ILE B 136 13.01 -31.80 9.52
CA ILE B 136 14.04 -31.02 8.85
C ILE B 136 13.45 -30.62 7.50
N VAL B 137 13.30 -29.32 7.31
CA VAL B 137 12.80 -28.71 6.06
C VAL B 137 13.70 -27.58 5.70
N ASP B 138 14.01 -27.43 4.42
CA ASP B 138 14.73 -26.27 3.93
C ASP B 138 13.69 -25.14 3.92
N LEU B 139 13.89 -24.16 4.80
CA LEU B 139 12.90 -23.12 5.02
C LEU B 139 12.78 -22.19 3.82
N CYS B 140 13.78 -22.18 2.97
CA CYS B 140 13.71 -21.53 1.64
C CYS B 140 12.57 -22.07 0.76
N THR B 141 12.26 -23.34 0.87
CA THR B 141 11.21 -23.91 0.07
C THR B 141 9.90 -23.61 0.75
N THR B 142 9.89 -23.59 2.09
CA THR B 142 8.72 -23.04 2.81
C THR B 142 8.43 -21.62 2.31
N TRP B 143 9.47 -20.80 2.20
CA TRP B 143 9.34 -19.42 1.83
C TRP B 143 8.83 -19.27 0.39
N GLU B 144 9.32 -20.07 -0.54
CA GLU B 144 8.77 -20.06 -1.90
C GLU B 144 7.27 -20.32 -1.90
N ALA B 145 6.85 -21.25 -1.08
CA ALA B 145 5.40 -21.62 -1.00
C ALA B 145 4.61 -20.40 -0.43
N MET B 146 5.23 -19.67 0.49
CA MET B 146 4.68 -18.43 1.03
C MET B 146 4.58 -17.38 -0.05
N GLU B 147 5.64 -17.20 -0.82
CA GLU B 147 5.61 -16.28 -1.94
C GLU B 147 4.46 -16.58 -2.91
N LYS B 148 4.19 -17.87 -3.16
CA LYS B 148 3.08 -18.25 -4.03
C LYS B 148 1.75 -17.91 -3.41
N CYS B 149 1.64 -18.04 -2.09
CA CYS B 149 0.43 -17.57 -1.38
C CYS B 149 0.18 -16.06 -1.57
N LYS B 150 1.23 -15.25 -1.51
CA LYS B 150 1.10 -13.82 -1.70
C LYS B 150 0.67 -13.54 -3.16
N ASP B 151 1.32 -14.20 -4.13
CA ASP B 151 0.96 -14.06 -5.55
C ASP B 151 -0.46 -14.54 -5.86
N ALA B 152 -0.98 -15.51 -5.12
CA ALA B 152 -2.37 -15.90 -5.24
C ALA B 152 -3.35 -14.92 -4.57
N GLY B 153 -2.86 -13.89 -3.90
CA GLY B 153 -3.71 -12.90 -3.22
C GLY B 153 -4.27 -13.37 -1.87
N LEU B 154 -3.74 -14.48 -1.32
CA LEU B 154 -4.25 -15.07 -0.08
C LEU B 154 -3.68 -14.36 1.16
N ALA B 155 -2.52 -13.79 1.01
CA ALA B 155 -1.87 -13.02 2.03
C ALA B 155 -1.34 -11.79 1.36
N LYS B 156 -1.69 -10.64 1.93
CA LYS B 156 -1.22 -9.38 1.38
C LYS B 156 0.28 -9.24 1.54
N SER B 157 0.79 -9.61 2.73
CA SER B 157 2.22 -9.60 3.02
C SER B 157 2.64 -10.88 3.71
N ILE B 158 3.91 -11.24 3.58
CA ILE B 158 4.44 -12.46 4.16
C ILE B 158 5.68 -12.13 4.97
N GLY B 159 5.89 -12.84 6.06
CA GLY B 159 7.04 -12.62 6.91
C GLY B 159 7.35 -13.83 7.79
N VAL B 160 8.16 -13.59 8.82
CA VAL B 160 8.64 -14.65 9.68
C VAL B 160 8.53 -14.28 11.15
N SER B 161 8.77 -15.26 12.02
CA SER B 161 8.71 -15.05 13.43
C SER B 161 9.71 -16.00 14.12
N ASN B 162 10.37 -15.47 15.17
CA ASN B 162 11.37 -16.22 15.95
C ASN B 162 12.61 -16.62 15.18
N PHE B 163 12.88 -15.93 14.08
CA PHE B 163 14.09 -16.19 13.32
C PHE B 163 15.22 -15.41 14.00
N ASN B 164 16.40 -15.96 13.96
CA ASN B 164 17.60 -15.17 14.28
C ASN B 164 18.21 -14.61 13.01
N ARG B 165 19.29 -13.83 13.18
CA ARG B 165 19.96 -13.22 12.02
C ARG B 165 20.41 -14.19 10.90
N ARG B 166 21.02 -15.29 11.30
CA ARG B 166 21.49 -16.31 10.35
C ARG B 166 20.31 -16.86 9.53
N GLN B 167 19.22 -17.19 10.19
CA GLN B 167 18.00 -17.70 9.54
C GLN B 167 17.38 -16.67 8.62
N LEU B 168 17.35 -15.39 9.00
CA LEU B 168 16.95 -14.32 8.09
C LEU B 168 17.85 -14.23 6.82
N GLU B 169 19.16 -14.33 7.01
CA GLU B 169 20.10 -14.21 5.88
C GLU B 169 19.91 -15.33 4.90
N MET B 170 19.62 -16.52 5.43
CA MET B 170 19.34 -17.66 4.55
C MET B 170 18.18 -17.39 3.57
N ILE B 171 17.13 -16.70 4.04
CA ILE B 171 16.03 -16.31 3.14
C ILE B 171 16.48 -15.20 2.23
N LEU B 172 17.10 -14.18 2.81
CA LEU B 172 17.52 -13.00 2.03
C LEU B 172 18.49 -13.36 0.88
N ASN B 173 19.33 -14.37 1.10
CA ASN B 173 20.28 -14.84 0.13
C ASN B 173 19.78 -15.98 -0.78
N LYS B 174 18.54 -16.41 -0.61
CA LYS B 174 17.96 -17.44 -1.47
C LYS B 174 18.09 -17.04 -2.96
N PRO B 175 18.61 -17.96 -3.83
CA PRO B 175 18.53 -17.74 -5.29
C PRO B 175 17.09 -17.59 -5.76
N GLY B 176 16.85 -16.55 -6.54
CA GLY B 176 15.56 -16.31 -7.14
C GLY B 176 14.53 -15.79 -6.14
N LEU B 177 14.97 -15.26 -5.00
CA LEU B 177 14.07 -14.64 -4.02
C LEU B 177 13.14 -13.65 -4.68
N LYS B 178 11.82 -13.78 -4.44
CA LYS B 178 10.84 -12.85 -4.99
C LYS B 178 10.43 -11.78 -3.98
N TYR B 179 10.19 -12.19 -2.73
CA TYR B 179 9.72 -11.25 -1.70
C TYR B 179 10.52 -11.44 -0.43
N LYS B 180 11.09 -10.35 0.09
CA LYS B 180 11.76 -10.40 1.37
C LYS B 180 10.68 -10.57 2.42
N PRO B 181 10.98 -11.26 3.50
CA PRO B 181 10.04 -11.11 4.65
C PRO B 181 9.82 -9.64 5.02
N VAL B 182 8.58 -9.26 5.29
CA VAL B 182 8.28 -7.87 5.66
C VAL B 182 8.63 -7.61 7.11
N CYS B 183 8.69 -8.68 7.88
CA CYS B 183 8.87 -8.53 9.32
C CYS B 183 9.43 -9.79 9.91
N ASN B 184 9.98 -9.62 11.12
CA ASN B 184 10.35 -10.70 11.99
C ASN B 184 9.74 -10.41 13.37
N GLN B 185 8.75 -11.21 13.72
CA GLN B 185 8.05 -11.07 15.01
C GLN B 185 8.81 -11.90 16.03
N VAL B 186 9.39 -11.21 17.04
CA VAL B 186 10.23 -11.81 18.03
C VAL B 186 9.92 -11.27 19.46
N GLU B 187 10.35 -12.01 20.47
CA GLU B 187 10.26 -11.52 21.84
C GLU B 187 11.09 -10.24 21.99
N CYS B 188 10.49 -9.19 22.53
CA CYS B 188 11.16 -7.93 22.62
C CYS B 188 10.51 -7.01 23.65
N HIS B 189 11.30 -6.54 24.62
CA HIS B 189 10.84 -5.78 25.76
C HIS B 189 12.08 -5.20 26.45
N PRO B 190 11.88 -4.31 27.45
CA PRO B 190 13.09 -3.67 28.01
C PRO B 190 14.10 -4.62 28.71
N TYR B 191 13.67 -5.81 29.13
CA TYR B 191 14.63 -6.83 29.57
C TYR B 191 15.33 -7.65 28.48
N PHE B 192 14.94 -7.47 27.23
CA PHE B 192 15.48 -8.22 26.12
C PHE B 192 15.06 -7.41 24.90
N ASN B 193 15.78 -6.32 24.71
CA ASN B 193 15.39 -5.30 23.76
C ASN B 193 15.79 -5.60 22.32
N ARG B 194 16.61 -6.62 22.11
CA ARG B 194 17.01 -7.06 20.75
C ARG B 194 17.68 -5.98 19.87
N SER B 195 18.39 -5.01 20.45
CA SER B 195 18.95 -3.88 19.65
C SER B 195 19.79 -4.34 18.47
N LYS B 196 20.59 -5.38 18.67
CA LYS B 196 21.47 -5.89 17.62
C LYS B 196 20.62 -6.48 16.46
N LEU B 197 19.67 -7.33 16.82
CA LEU B 197 18.77 -7.91 15.80
C LEU B 197 17.90 -6.81 15.12
N LEU B 198 17.55 -5.79 15.88
CA LEU B 198 16.78 -4.63 15.34
C LEU B 198 17.60 -3.84 14.31
N ASP B 199 18.85 -3.57 14.66
CA ASP B 199 19.75 -2.92 13.72
C ASP B 199 19.81 -3.75 12.45
N PHE B 200 20.04 -5.05 12.57
CA PHE B 200 20.07 -5.89 11.38
C PHE B 200 18.79 -5.80 10.52
N CYS B 201 17.63 -5.96 11.18
CA CYS B 201 16.33 -5.86 10.50
C CYS B 201 16.16 -4.54 9.81
N LYS B 202 16.52 -3.44 10.51
CA LYS B 202 16.39 -2.12 9.88
C LYS B 202 17.28 -2.00 8.66
N SER B 203 18.51 -2.45 8.75
CA SER B 203 19.42 -2.41 7.58
C SER B 203 18.88 -3.15 6.35
N LYS B 204 18.02 -4.13 6.53
CA LYS B 204 17.43 -4.90 5.43
C LYS B 204 16.01 -4.48 5.13
N ASP B 205 15.49 -3.44 5.77
CA ASP B 205 14.10 -2.98 5.60
C ASP B 205 13.08 -4.04 6.07
N ILE B 206 13.38 -4.72 7.16
CA ILE B 206 12.48 -5.68 7.74
C ILE B 206 12.04 -5.12 9.06
N VAL B 207 10.74 -5.07 9.30
CA VAL B 207 10.23 -4.47 10.52
C VAL B 207 10.33 -5.52 11.64
N LEU B 208 10.85 -5.15 12.79
CA LEU B 208 10.79 -6.00 13.96
C LEU B 208 9.44 -5.79 14.66
N VAL B 209 8.71 -6.88 14.92
CA VAL B 209 7.42 -6.84 15.62
C VAL B 209 7.64 -7.46 16.97
N ALA B 210 7.35 -6.75 18.04
CA ALA B 210 7.65 -7.19 19.41
C ALA B 210 6.52 -7.94 20.07
N TYR B 211 6.76 -9.19 20.47
CA TYR B 211 5.85 -9.86 21.38
C TYR B 211 6.41 -9.93 22.79
N SER B 212 5.50 -10.23 23.75
CA SER B 212 5.82 -10.19 25.17
C SER B 212 6.45 -8.86 25.55
N ALA B 213 5.96 -7.83 24.85
CA ALA B 213 6.36 -6.46 25.08
C ALA B 213 6.01 -5.94 26.46
N LEU B 214 4.99 -6.53 27.06
CA LEU B 214 4.61 -6.18 28.45
C LEU B 214 5.13 -7.21 29.46
N GLY B 215 6.02 -8.09 29.03
CA GLY B 215 6.72 -9.04 29.94
C GLY B 215 6.15 -10.42 30.02
N SER B 216 5.31 -10.75 29.02
CA SER B 216 4.70 -12.06 28.83
C SER B 216 3.58 -12.28 29.81
N GLN B 217 2.84 -13.34 29.57
CA GLN B 217 1.75 -13.71 30.43
C GLN B 217 2.29 -14.49 31.66
N ARG B 218 3.58 -14.77 31.71
CA ARG B 218 4.16 -15.50 32.84
C ARG B 218 3.45 -16.84 33.10
N ASP B 219 3.13 -17.53 32.01
CA ASP B 219 2.41 -18.79 32.04
C ASP B 219 3.26 -19.81 32.84
N LYS B 220 2.65 -20.32 33.90
CA LYS B 220 3.21 -21.34 34.80
C LYS B 220 3.85 -22.51 34.09
N ARG B 221 3.23 -22.93 33.01
CA ARG B 221 3.73 -24.03 32.23
C ARG B 221 5.20 -23.83 31.78
N TRP B 222 5.64 -22.58 31.56
CA TRP B 222 7.05 -22.32 31.09
C TRP B 222 7.78 -21.40 32.01
N VAL B 223 7.18 -20.26 32.29
CA VAL B 223 7.94 -19.08 32.65
C VAL B 223 8.32 -19.30 34.08
N ASP B 224 9.60 -19.10 34.39
CA ASP B 224 10.09 -19.17 35.75
C ASP B 224 9.41 -18.07 36.57
N PRO B 225 8.73 -18.41 37.69
CA PRO B 225 8.01 -17.38 38.49
C PRO B 225 8.95 -16.46 39.27
N ASN B 226 10.24 -16.83 39.39
CA ASN B 226 11.26 -15.97 39.98
C ASN B 226 11.91 -15.03 38.99
N SER B 227 11.58 -15.10 37.70
CA SER B 227 12.08 -14.15 36.74
C SER B 227 11.48 -12.78 37.13
N PRO B 228 12.25 -11.70 37.01
CA PRO B 228 11.73 -10.39 37.38
C PRO B 228 10.47 -10.03 36.54
N VAL B 229 9.55 -9.31 37.15
CA VAL B 229 8.27 -8.95 36.56
C VAL B 229 8.54 -7.63 35.86
N LEU B 230 8.44 -7.62 34.55
CA LEU B 230 8.84 -6.46 33.79
C LEU B 230 8.15 -5.18 34.28
N LEU B 231 6.81 -5.22 34.45
CA LEU B 231 6.08 -4.01 34.71
C LEU B 231 6.30 -3.45 36.09
N GLU B 232 6.93 -4.23 36.97
CA GLU B 232 7.40 -3.75 38.30
C GLU B 232 8.77 -3.09 38.26
N ASP B 233 9.40 -2.97 37.09
CA ASP B 233 10.71 -2.34 37.09
C ASP B 233 10.70 -0.90 37.65
N PRO B 234 11.67 -0.57 38.53
CA PRO B 234 11.62 0.83 39.11
C PRO B 234 11.80 1.98 38.08
N VAL B 235 12.58 1.74 37.06
CA VAL B 235 12.75 2.75 36.00
C VAL B 235 11.44 2.95 35.18
N LEU B 236 10.80 1.84 34.82
CA LEU B 236 9.50 1.90 34.16
C LEU B 236 8.44 2.60 35.04
N CYS B 237 8.41 2.26 36.34
CA CYS B 237 7.52 2.97 37.28
C CYS B 237 7.83 4.47 37.44
N ALA B 238 9.09 4.85 37.49
CA ALA B 238 9.40 6.28 37.68
C ALA B 238 9.08 7.06 36.43
N LEU B 239 9.32 6.48 35.24
CA LEU B 239 8.89 7.14 34.01
C LEU B 239 7.35 7.25 33.90
N ALA B 240 6.64 6.24 34.38
CA ALA B 240 5.19 6.25 34.37
C ALA B 240 4.67 7.44 35.22
N LYS B 241 5.23 7.61 36.41
CA LYS B 241 4.94 8.76 37.28
C LYS B 241 5.27 10.11 36.61
N LYS B 242 6.47 10.23 36.08
CA LYS B 242 6.89 11.43 35.38
C LYS B 242 5.92 11.82 34.29
N HIS B 243 5.55 10.86 33.44
CA HIS B 243 4.61 11.13 32.37
C HIS B 243 3.13 11.04 32.74
N LYS B 244 2.80 10.67 33.97
CA LYS B 244 1.40 10.39 34.36
C LYS B 244 0.76 9.32 33.46
N ARG B 245 1.50 8.25 33.22
CA ARG B 245 1.02 7.13 32.44
C ARG B 245 1.17 5.90 33.32
N THR B 246 1.33 4.71 32.73
CA THR B 246 1.53 3.50 33.46
C THR B 246 2.79 2.81 32.94
N PRO B 247 3.31 1.82 33.68
CA PRO B 247 4.50 1.13 33.22
C PRO B 247 4.24 0.42 31.88
N ALA B 248 3.08 -0.22 31.69
CA ALA B 248 2.70 -0.81 30.37
C ALA B 248 2.82 0.20 29.24
N LEU B 249 2.21 1.36 29.43
CA LEU B 249 2.25 2.42 28.41
C LEU B 249 3.68 2.89 28.10
N ILE B 250 4.51 3.04 29.13
CA ILE B 250 5.95 3.32 28.92
C ILE B 250 6.61 2.24 28.03
N ALA B 251 6.38 0.98 28.38
CA ALA B 251 7.00 -0.10 27.68
C ALA B 251 6.53 -0.17 26.22
N LEU B 252 5.25 0.07 25.98
CA LEU B 252 4.76 0.09 24.62
C LEU B 252 5.32 1.27 23.86
N ARG B 253 5.35 2.45 24.48
CA ARG B 253 5.86 3.62 23.77
C ARG B 253 7.34 3.50 23.36
N TYR B 254 8.10 2.85 24.24
CA TYR B 254 9.51 2.58 24.01
C TYR B 254 9.71 1.92 22.68
N GLN B 255 8.91 0.90 22.43
CA GLN B 255 9.03 0.14 21.17
C GLN B 255 8.69 1.03 20.01
N LEU B 256 7.55 1.74 20.08
CA LEU B 256 7.13 2.60 18.96
C LEU B 256 8.24 3.61 18.56
N GLN B 257 8.94 4.17 19.55
CA GLN B 257 9.93 5.20 19.26
C GLN B 257 11.25 4.66 18.78
N ARG B 258 11.46 3.34 18.86
CA ARG B 258 12.68 2.74 18.25
C ARG B 258 12.35 2.09 16.91
N GLY B 259 11.19 2.42 16.36
CA GLY B 259 10.78 1.94 15.05
C GLY B 259 10.24 0.50 15.09
N VAL B 260 9.90 -0.02 16.26
CA VAL B 260 9.44 -1.41 16.41
C VAL B 260 7.91 -1.33 16.40
N VAL B 261 7.27 -2.32 15.79
CA VAL B 261 5.83 -2.44 15.81
C VAL B 261 5.55 -3.33 17.03
N VAL B 262 4.62 -2.93 17.85
CA VAL B 262 4.43 -3.59 19.17
C VAL B 262 3.04 -4.23 19.33
N LEU B 263 3.05 -5.45 19.81
CA LEU B 263 1.84 -6.13 20.16
C LEU B 263 1.58 -5.93 21.64
N ALA B 264 0.31 -6.04 22.01
CA ALA B 264 -0.06 -6.00 23.46
C ALA B 264 -1.30 -6.89 23.62
N LYS B 265 -1.18 -7.95 24.38
CA LYS B 265 -2.33 -8.80 24.69
C LYS B 265 -2.93 -8.31 25.97
N SER B 266 -4.26 -8.17 25.95
CA SER B 266 -5.04 -8.04 27.19
C SER B 266 -6.40 -8.64 26.94
N TYR B 267 -6.88 -9.38 27.95
CA TYR B 267 -8.23 -9.85 27.98
C TYR B 267 -9.05 -9.06 29.02
N ASN B 268 -8.58 -7.88 29.40
CA ASN B 268 -9.28 -7.04 30.38
C ASN B 268 -9.73 -5.77 29.71
N GLU B 269 -11.04 -5.48 29.77
CA GLU B 269 -11.53 -4.30 29.06
C GLU B 269 -10.77 -3.01 29.37
N GLN B 270 -10.50 -2.75 30.63
CA GLN B 270 -9.87 -1.46 30.99
C GLN B 270 -8.42 -1.35 30.51
N ARG B 271 -7.70 -2.45 30.48
CA ARG B 271 -6.28 -2.46 30.06
C ARG B 271 -6.22 -2.38 28.56
N ILE B 272 -7.16 -3.06 27.88
CA ILE B 272 -7.26 -2.91 26.43
C ILE B 272 -7.43 -1.43 26.07
N ARG B 273 -8.31 -0.72 26.82
CA ARG B 273 -8.61 0.67 26.44
C ARG B 273 -7.50 1.52 26.86
N GLN B 274 -6.75 1.12 27.89
CA GLN B 274 -5.52 1.90 28.28
C GLN B 274 -4.46 1.87 27.22
N ASN B 275 -4.28 0.69 26.65
CA ASN B 275 -3.15 0.45 25.78
C ASN B 275 -3.18 1.29 24.52
N VAL B 276 -4.36 1.64 24.03
CA VAL B 276 -4.48 2.53 22.88
C VAL B 276 -4.04 3.97 23.18
N GLN B 277 -3.87 4.33 24.44
CA GLN B 277 -3.36 5.67 24.81
C GLN B 277 -1.89 5.90 24.51
N VAL B 278 -1.18 4.87 24.05
CA VAL B 278 0.20 4.94 23.69
C VAL B 278 0.55 6.08 22.69
N PHE B 279 -0.43 6.51 21.90
CA PHE B 279 -0.23 7.55 20.95
C PHE B 279 -0.44 8.94 21.55
N GLU B 280 -0.78 9.05 22.84
CA GLU B 280 -1.05 10.33 23.46
C GLU B 280 0.16 11.09 24.03
N PHE B 281 1.32 10.44 24.13
CA PHE B 281 2.46 11.06 24.78
C PHE B 281 3.75 10.62 24.09
N GLN B 282 4.86 11.21 24.49
CA GLN B 282 6.11 10.74 23.98
C GLN B 282 7.19 10.77 25.02
N LEU B 283 8.05 9.78 24.91
CA LEU B 283 9.24 9.71 25.74
C LEU B 283 10.34 10.63 25.18
N THR B 284 11.14 11.22 26.05
CA THR B 284 12.32 11.98 25.62
C THR B 284 13.41 11.03 25.19
N ALA B 285 14.48 11.58 24.61
CA ALA B 285 15.63 10.77 24.19
C ALA B 285 16.30 10.21 25.41
N GLU B 286 16.34 11.01 26.48
CA GLU B 286 16.94 10.54 27.72
C GLU B 286 16.14 9.43 28.36
N ASP B 287 14.81 9.54 28.33
CA ASP B 287 13.92 8.46 28.77
C ASP B 287 14.25 7.17 28.01
N MET B 288 14.42 7.28 26.73
CA MET B 288 14.70 6.12 25.90
C MET B 288 16.02 5.47 26.31
N LYS B 289 17.10 6.26 26.44
CA LYS B 289 18.38 5.70 26.94
C LYS B 289 18.22 5.01 28.30
N ALA B 290 17.44 5.60 29.22
CA ALA B 290 17.18 4.95 30.51
C ALA B 290 16.53 3.56 30.34
N ILE B 291 15.55 3.43 29.46
CA ILE B 291 14.90 2.12 29.24
C ILE B 291 15.90 1.18 28.55
N ASP B 292 16.75 1.69 27.65
CA ASP B 292 17.79 0.84 26.97
C ASP B 292 18.67 0.18 28.03
N GLY B 293 18.89 0.88 29.12
CA GLY B 293 19.71 0.37 30.21
C GLY B 293 19.17 -0.85 30.92
N LEU B 294 17.88 -1.19 30.73
CA LEU B 294 17.24 -2.29 31.50
C LEU B 294 17.48 -3.67 30.91
N ASP B 295 18.04 -3.72 29.70
CA ASP B 295 18.34 -5.00 29.07
C ASP B 295 19.07 -5.95 30.01
N ARG B 296 18.54 -7.16 30.19
CA ARG B 296 19.24 -8.24 30.90
C ARG B 296 19.22 -9.56 30.20
N ASN B 297 19.09 -9.52 28.87
CA ASN B 297 19.06 -10.73 28.08
C ASN B 297 18.12 -11.81 28.66
N LEU B 298 16.91 -11.42 29.04
CA LEU B 298 15.97 -12.30 29.72
C LEU B 298 14.92 -12.74 28.73
N HIS B 299 14.88 -14.01 28.41
CA HIS B 299 13.82 -14.53 27.56
C HIS B 299 12.73 -15.15 28.42
N TYR B 300 11.54 -14.59 28.40
CA TYR B 300 10.46 -15.22 29.07
C TYR B 300 10.05 -16.55 28.35
N PHE B 301 10.25 -16.63 27.04
CA PHE B 301 10.04 -17.89 26.34
C PHE B 301 11.30 -18.77 26.60
N ASN B 302 11.21 -19.49 27.75
CA ASN B 302 12.16 -20.61 28.12
C ASN B 302 11.92 -21.88 27.27
N SER B 303 12.39 -21.72 26.04
CA SER B 303 12.39 -22.72 24.96
C SER B 303 13.31 -23.92 25.26
N ASP B 304 14.05 -23.87 26.38
CA ASP B 304 14.92 -24.97 26.92
C ASP B 304 14.58 -26.38 26.40
N SER B 305 13.31 -26.72 26.47
CA SER B 305 12.75 -27.96 25.89
C SER B 305 13.28 -28.29 24.46
N PHE B 306 13.27 -27.25 23.63
CA PHE B 306 13.57 -27.32 22.18
C PHE B 306 15.00 -27.02 21.83
N ALA B 307 15.82 -26.84 22.88
CA ALA B 307 17.17 -26.36 22.74
C ALA B 307 18.07 -27.19 21.81
N SER B 308 17.82 -28.49 21.70
CA SER B 308 18.54 -29.38 20.77
C SER B 308 17.95 -29.39 19.32
N HIS B 309 16.89 -28.64 19.03
CA HIS B 309 16.40 -28.58 17.65
C HIS B 309 17.50 -27.91 16.79
N PRO B 310 17.86 -28.47 15.62
CA PRO B 310 18.90 -27.84 14.77
C PRO B 310 18.66 -26.37 14.40
N ASN B 311 17.39 -25.96 14.34
CA ASN B 311 16.94 -24.59 14.07
C ASN B 311 16.56 -23.77 15.27
N TYR B 312 16.95 -24.23 16.46
CA TYR B 312 16.68 -23.47 17.68
C TYR B 312 17.35 -22.09 17.49
N PRO B 313 16.58 -21.00 17.59
CA PRO B 313 17.17 -19.71 17.27
C PRO B 313 18.21 -19.18 18.31
N TYR B 314 18.31 -19.77 19.49
CA TYR B 314 19.30 -19.36 20.52
C TYR B 314 20.47 -20.35 20.74
N SER B 315 20.73 -21.23 19.80
CA SER B 315 21.90 -22.14 19.93
C SER B 315 23.20 -21.38 19.48
PA NAP C . -7.58 12.63 -7.58
O1A NAP C . -7.62 13.77 -8.56
O2A NAP C . -6.31 12.31 -6.83
O5B NAP C . -8.71 12.85 -6.45
C5B NAP C . -8.89 11.91 -5.40
C4B NAP C . -10.21 12.11 -4.64
O4B NAP C . -10.18 13.46 -4.21
C3B NAP C . -11.43 12.05 -5.55
O3B NAP C . -12.03 10.77 -5.70
C2B NAP C . -12.38 13.15 -5.05
O2B NAP C . -13.56 12.64 -4.43
C1B NAP C . -11.54 13.87 -4.03
N9A NAP C . -11.56 15.35 -4.12
C8A NAP C . -11.55 16.13 -5.24
N7A NAP C . -11.60 17.43 -4.93
C5A NAP C . -11.51 17.51 -3.60
C6A NAP C . -11.50 18.62 -2.65
N6A NAP C . -11.52 19.87 -3.20
N1A NAP C . -11.49 18.32 -1.32
C2A NAP C . -11.51 17.01 -0.86
N3A NAP C . -11.52 16.00 -1.71
C4A NAP C . -11.52 16.15 -3.05
O3 NAP C . -8.07 11.28 -8.25
PN NAP C . -7.46 10.28 -9.37
O1N NAP C . -8.72 9.77 -9.98
O2N NAP C . -6.47 9.34 -8.83
O5D NAP C . -6.69 11.24 -10.37
C5D NAP C . -7.36 12.19 -11.18
C4D NAP C . -7.50 11.75 -12.63
O4D NAP C . -6.21 11.43 -13.20
C3D NAP C . -8.38 10.52 -12.95
O3D NAP C . -9.80 10.73 -12.92
C2D NAP C . -7.86 10.18 -14.34
O2D NAP C . -8.39 11.12 -15.26
C1D NAP C . -6.38 10.46 -14.24
N1N NAP C . -5.60 9.28 -13.84
C2N NAP C . -4.82 8.72 -14.77
C3N NAP C . -3.99 7.62 -14.52
C7N NAP C . -3.08 7.10 -15.55
O7N NAP C . -2.62 5.97 -15.38
N7N NAP C . -2.65 7.92 -16.52
C4N NAP C . -4.04 7.05 -13.30
C5N NAP C . -4.86 7.63 -12.33
C6N NAP C . -5.60 8.75 -12.59
P2B NAP C . -14.99 13.21 -4.92
O1X NAP C . -16.02 12.66 -4.01
O2X NAP C . -14.94 14.64 -4.89
O3X NAP C . -15.19 12.73 -6.36
O3 65D D . 2.94 -17.28 19.33
C4 65D D . 3.88 -25.11 22.70
C5 65D D . 4.49 -23.71 22.72
O4 65D D . 1.55 -16.28 21.57
C6 65D D . 4.88 -23.13 24.09
C7 65D D . 4.45 -21.69 24.38
C8 65D D . 2.50 -20.34 23.97
C9 65D D . 2.79 -19.43 22.82
C10 65D D . 2.08 -18.25 22.72
C11 65D D . 2.21 -17.46 21.60
C12 65D D . 3.03 -17.84 20.56
C13 65D D . 3.84 -18.97 20.71
C14 65D D . 3.72 -19.76 21.84
O1 65D D . 1.85 -20.04 24.94
O2 65D D . 4.71 -19.25 19.73
O 65D D . 3.11 -21.52 23.84
C3 65D D . 4.89 -26.26 22.82
C2 65D D . 5.23 -26.69 24.27
C1 65D D . 6.53 -27.55 24.45
C 65D D . 6.59 -28.58 25.60
PA NAP E . 2.04 -9.27 26.50
O1A NAP E . 1.49 -8.43 25.42
O2A NAP E . 3.43 -9.10 27.07
O5B NAP E . 1.10 -9.07 27.81
C5B NAP E . 1.37 -9.78 29.01
C4B NAP E . 0.31 -9.38 30.02
O4B NAP E . 0.21 -7.99 30.21
C3B NAP E . -1.09 -9.76 29.53
O3B NAP E . -1.30 -11.10 29.88
C2B NAP E . -2.06 -8.76 30.12
O2B NAP E . -2.96 -9.25 31.13
C1B NAP E . -1.12 -7.70 30.67
N9A NAP E . -1.46 -6.34 30.27
C8A NAP E . -1.90 -5.89 29.05
N7A NAP E . -2.10 -4.57 29.03
C5A NAP E . -1.72 -4.13 30.28
C6A NAP E . -1.64 -2.83 30.94
N6A NAP E . -1.97 -1.78 30.21
N1A NAP E . -1.20 -2.75 32.23
C2A NAP E . -0.83 -3.87 32.92
N3A NAP E . -0.87 -5.11 32.37
C4A NAP E . -1.32 -5.29 31.10
O3 NAP E . 1.67 -10.81 26.20
PN NAP E . 2.14 -11.97 25.18
O1N NAP E . 0.85 -12.75 24.94
O2N NAP E . 3.34 -12.64 25.81
O5D NAP E . 2.40 -11.25 23.79
C5D NAP E . 1.34 -10.56 23.13
C4D NAP E . 0.97 -11.31 21.84
O4D NAP E . 2.14 -11.55 21.01
C3D NAP E . 0.34 -12.69 21.98
O3D NAP E . -0.99 -12.64 22.49
C2D NAP E . 0.46 -13.20 20.53
O2D NAP E . -0.48 -12.54 19.67
C1D NAP E . 1.89 -12.73 20.22
N1N NAP E . 2.96 -13.70 20.54
C2N NAP E . 3.62 -14.27 19.52
C3N NAP E . 4.67 -15.16 19.72
C7N NAP E . 5.38 -15.81 18.58
O7N NAP E . 6.00 -16.89 18.67
N7N NAP E . 5.32 -15.18 17.44
C4N NAP E . 5.01 -15.49 21.02
C5N NAP E . 4.36 -14.87 22.06
C6N NAP E . 3.35 -13.96 21.80
P2B NAP E . -4.57 -9.19 30.98
O1X NAP E . -4.97 -9.61 32.31
O2X NAP E . -4.79 -7.72 30.77
O3X NAP E . -4.86 -10.12 29.84
#